data_7QY9
#
_entry.id   7QY9
#
_cell.length_a   79.501
_cell.length_b   79.501
_cell.length_c   348.851
_cell.angle_alpha   90.000
_cell.angle_beta   90.000
_cell.angle_gamma   90.000
#
_symmetry.space_group_name_H-M   'P 41 21 2'
#
loop_
_entity.id
_entity.type
_entity.pdbx_description
1 polymer 'BNR/Asp-box repeat protein'
2 non-polymer '(3R,4R,5S)-4-(acetylamino)-5-amino-3-(pentan-3-yloxy)cyclohex-1-ene-1-carboxylic acid'
3 water water
#
_entity_poly.entity_id   1
_entity_poly.type   'polypeptide(L)'
_entity_poly.pdbx_seq_one_letter_code
;DSVYVQNPQIPILVDRTDNVLFRIRIPDATKGDVLNRLTIRFGNEDKLSEVKAVRLFYAGTEAATKGRSRFAPVTYVSSH
NIRNTRSANPSYSIRQDEVTTVANTLTLKTRQPMVKGINYFWVSVEMDRNTSLLSKLTSTVTEVVINDKPAVIAGEQAAV
RRMGIGVRHAGDDGSASFRIPGLVTTNKGTLLGVYDVRYNNSVDLQEHIDVGLSRSTDKGQTWEPMRIAMSFGETDGLPS
GQNGVGDPSILVDERTNTVWVVAAWTHGMGNARAWTNSMPGMTPDETAQLMMVKSTDDGRTWSESTNITSQVKDPSWCFL
LQGPGRGITMRDGTLVFPIQFIDSLRVPHAGIMYSKDRGETWHIHQPARTNTTEAQVAEVEPGVLMLNMRDNRGGSRAVS
ITRDLGKSWTEHSSNRSALPESICMASLISVKAKDNIIGKDLLLFSNPNTTEGRHHITIKASLDGGVTWLPAHQVLLDEE
DGWGYSCLSMIDRETVGIFYESSVAHMTFQAVKIKDLIR
;
_entity_poly.pdbx_strand_id   A,B
#
# COMPACT_ATOMS: atom_id res chain seq x y z
N ASP A 1 23.18 12.26 31.15
CA ASP A 1 24.55 12.29 30.55
C ASP A 1 24.52 13.03 29.20
N SER A 2 24.18 12.32 28.13
CA SER A 2 24.46 12.70 26.72
C SER A 2 23.19 12.58 25.86
N VAL A 3 22.99 13.55 24.97
CA VAL A 3 21.78 13.70 24.09
C VAL A 3 22.23 14.01 22.67
N TYR A 4 21.69 13.27 21.70
CA TYR A 4 22.08 13.33 20.26
C TYR A 4 21.02 14.10 19.48
N VAL A 5 21.50 14.96 18.56
CA VAL A 5 20.67 15.88 17.73
C VAL A 5 21.02 15.71 16.25
N GLN A 6 20.00 15.67 15.40
CA GLN A 6 20.16 15.62 13.93
C GLN A 6 19.36 16.79 13.33
N ASN A 7 20.01 17.54 12.45
CA ASN A 7 19.37 18.56 11.59
C ASN A 7 19.33 18.02 10.17
N PRO A 8 18.25 17.30 9.78
CA PRO A 8 18.24 16.57 8.51
C PRO A 8 18.19 17.49 7.28
N GLN A 9 19.13 17.30 6.36
CA GLN A 9 19.18 18.11 5.11
C GLN A 9 18.06 17.64 4.18
N ILE A 10 16.83 18.07 4.47
CA ILE A 10 15.63 17.78 3.64
C ILE A 10 14.86 19.09 3.43
N PRO A 11 14.08 19.21 2.33
CA PRO A 11 13.33 20.43 2.07
C PRO A 11 12.29 20.74 3.15
N ILE A 12 12.30 21.99 3.62
CA ILE A 12 11.20 22.60 4.43
C ILE A 12 10.14 23.07 3.43
N LEU A 13 8.98 22.41 3.41
CA LEU A 13 7.89 22.68 2.44
C LEU A 13 7.03 23.82 2.99
N VAL A 14 6.85 24.86 2.17
CA VAL A 14 6.14 26.12 2.54
C VAL A 14 4.64 25.83 2.68
N ASP A 15 4.15 24.73 2.08
CA ASP A 15 2.71 24.34 2.00
C ASP A 15 2.41 23.24 3.02
N ARG A 16 3.40 22.78 3.81
CA ARG A 16 3.20 21.74 4.85
C ARG A 16 2.85 22.40 6.18
N THR A 17 2.06 21.71 7.01
CA THR A 17 1.78 22.09 8.41
C THR A 17 3.03 21.78 9.26
N ASP A 18 3.65 20.62 9.03
CA ASP A 18 4.84 20.15 9.80
C ASP A 18 6.00 19.84 8.87
N ASN A 19 7.21 20.14 9.35
CA ASN A 19 8.49 19.81 8.69
C ASN A 19 9.47 19.44 9.82
N VAL A 20 10.25 18.37 9.65
CA VAL A 20 11.27 17.94 10.64
C VAL A 20 12.43 18.93 10.58
N LEU A 21 12.58 19.76 11.62
CA LEU A 21 13.73 20.70 11.74
C LEU A 21 14.87 19.98 12.45
N PHE A 22 14.58 19.35 13.58
CA PHE A 22 15.52 18.54 14.38
C PHE A 22 14.86 17.22 14.77
N ARG A 23 15.62 16.13 14.70
CA ARG A 23 15.30 14.88 15.42
C ARG A 23 16.25 14.80 16.62
N ILE A 24 15.77 14.35 17.77
CA ILE A 24 16.63 14.23 18.97
C ILE A 24 16.38 12.85 19.63
N ARG A 25 17.48 12.16 19.93
CA ARG A 25 17.48 10.86 20.63
C ARG A 25 18.09 11.04 22.03
N ILE A 26 17.37 10.61 23.05
CA ILE A 26 17.89 10.47 24.45
C ILE A 26 18.14 8.99 24.66
N PRO A 27 19.40 8.50 24.57
CA PRO A 27 19.67 7.07 24.47
C PRO A 27 19.42 6.24 25.74
N ASP A 28 19.74 6.77 26.92
CA ASP A 28 19.76 5.99 28.20
C ASP A 28 19.12 6.83 29.31
N ALA A 29 17.83 7.14 29.16
CA ALA A 29 16.98 7.80 30.18
C ALA A 29 16.69 6.82 31.32
N THR A 30 16.50 7.34 32.54
CA THR A 30 15.86 6.64 33.68
C THR A 30 14.35 6.90 33.64
N LYS A 31 13.55 5.88 33.92
CA LYS A 31 12.06 5.99 33.93
C LYS A 31 11.64 7.13 34.85
N GLY A 32 11.03 8.18 34.30
CA GLY A 32 10.55 9.36 35.03
C GLY A 32 11.28 10.64 34.64
N ASP A 33 12.44 10.54 33.98
CA ASP A 33 13.23 11.71 33.50
C ASP A 33 12.33 12.58 32.62
N VAL A 34 12.40 13.90 32.79
CA VAL A 34 11.58 14.89 32.03
C VAL A 34 12.52 15.84 31.27
N LEU A 35 12.32 15.95 29.97
CA LEU A 35 12.92 17.02 29.12
C LEU A 35 12.20 18.33 29.45
N ASN A 36 12.70 19.04 30.47
CA ASN A 36 12.09 20.28 31.03
C ASN A 36 12.06 21.37 29.96
N ARG A 37 13.19 21.59 29.30
CA ARG A 37 13.39 22.75 28.39
C ARG A 37 14.46 22.39 27.35
N LEU A 38 14.23 22.83 26.12
CA LEU A 38 15.19 22.67 24.99
C LEU A 38 15.19 23.99 24.22
N THR A 39 16.37 24.59 24.04
CA THR A 39 16.54 25.94 23.45
C THR A 39 17.16 25.80 22.05
N ILE A 40 16.49 26.37 21.04
CA ILE A 40 17.02 26.41 19.64
C ILE A 40 17.33 27.86 19.29
N ARG A 41 18.41 28.06 18.53
CA ARG A 41 19.01 29.38 18.22
C ARG A 41 19.12 29.50 16.69
N PHE A 42 18.58 30.57 16.12
CA PHE A 42 18.64 30.89 14.66
C PHE A 42 19.70 31.96 14.42
N GLY A 43 20.40 31.88 13.27
CA GLY A 43 21.39 32.88 12.82
C GLY A 43 20.77 34.28 12.68
N ASN A 44 21.58 35.33 12.78
CA ASN A 44 21.13 36.75 12.86
C ASN A 44 20.36 37.16 11.60
N GLU A 45 20.76 36.67 10.43
CA GLU A 45 20.26 37.17 9.12
C GLU A 45 19.03 36.37 8.68
N ASP A 46 18.67 35.30 9.39
CA ASP A 46 17.47 34.46 9.09
C ASP A 46 16.20 35.30 9.19
N LYS A 47 15.27 35.09 8.26
CA LYS A 47 13.96 35.77 8.19
C LYS A 47 12.96 35.03 9.10
N LEU A 48 13.04 35.21 10.41
CA LEU A 48 12.16 34.53 11.39
C LEU A 48 10.69 35.00 11.23
N SER A 49 10.45 36.11 10.54
CA SER A 49 9.08 36.62 10.22
C SER A 49 8.36 35.65 9.28
N GLU A 50 9.11 34.79 8.56
CA GLU A 50 8.55 33.77 7.62
C GLU A 50 8.14 32.49 8.36
N VAL A 51 8.61 32.30 9.60
CA VAL A 51 8.22 31.13 10.44
C VAL A 51 6.88 31.41 11.11
N LYS A 52 5.87 30.59 10.83
CA LYS A 52 4.50 30.68 11.41
C LYS A 52 4.48 30.01 12.79
N ALA A 53 5.21 28.91 12.97
CA ALA A 53 5.17 28.12 14.23
C ALA A 53 6.34 27.13 14.32
N VAL A 54 6.74 26.83 15.55
CA VAL A 54 7.73 25.77 15.94
C VAL A 54 7.09 24.91 17.03
N ARG A 55 7.14 23.59 16.86
CA ARG A 55 6.52 22.60 17.78
C ARG A 55 7.60 21.60 18.25
N LEU A 56 7.46 21.13 19.49
CA LEU A 56 8.24 20.02 20.07
C LEU A 56 7.30 18.82 20.24
N PHE A 57 7.61 17.69 19.58
CA PHE A 57 6.81 16.45 19.67
C PHE A 57 7.55 15.38 20.48
N TYR A 58 6.78 14.45 21.05
CA TYR A 58 7.27 13.20 21.66
C TYR A 58 6.78 12.04 20.76
N ALA A 59 7.68 11.14 20.36
CA ALA A 59 7.35 9.97 19.51
C ALA A 59 7.59 8.67 20.27
N GLY A 60 7.73 8.74 21.60
CA GLY A 60 7.91 7.57 22.47
C GLY A 60 9.30 6.98 22.36
N THR A 61 9.39 5.65 22.23
CA THR A 61 10.64 4.89 22.37
C THR A 61 10.99 4.15 21.08
N GLU A 62 11.93 3.21 21.17
CA GLU A 62 12.42 2.37 20.05
C GLU A 62 12.12 0.91 20.39
N ALA A 63 12.02 0.06 19.37
CA ALA A 63 11.93 -1.41 19.51
C ALA A 63 13.29 -1.97 19.97
N ALA A 64 13.25 -2.96 20.87
CA ALA A 64 14.43 -3.63 21.49
C ALA A 64 15.43 -4.14 20.43
N THR A 65 14.96 -4.48 19.22
CA THR A 65 15.78 -5.13 18.16
C THR A 65 16.34 -4.13 17.13
N LYS A 66 16.07 -2.83 17.25
CA LYS A 66 16.40 -1.85 16.17
C LYS A 66 17.62 -1.01 16.54
N GLY A 67 18.33 -1.35 17.61
CA GLY A 67 19.60 -0.69 17.98
C GLY A 67 19.36 0.69 18.57
N ARG A 68 20.40 1.53 18.65
CA ARG A 68 20.42 2.76 19.47
C ARG A 68 20.97 3.95 18.67
N SER A 69 21.09 3.83 17.34
CA SER A 69 21.74 4.85 16.47
C SER A 69 20.72 5.49 15.50
N ARG A 70 19.43 5.19 15.66
CA ARG A 70 18.35 5.78 14.85
C ARG A 70 17.91 7.11 15.48
N PHE A 71 17.36 8.02 14.69
CA PHE A 71 16.89 9.36 15.17
C PHE A 71 15.36 9.39 15.24
N ALA A 72 14.68 8.30 14.89
CA ALA A 72 13.20 8.16 14.94
C ALA A 72 12.81 6.68 14.92
N PRO A 73 11.63 6.33 15.45
CA PRO A 73 11.09 4.97 15.35
C PRO A 73 10.30 4.69 14.06
N VAL A 74 9.97 5.75 13.33
CA VAL A 74 8.98 5.73 12.21
C VAL A 74 9.10 7.07 11.48
N THR A 75 8.71 7.13 10.21
CA THR A 75 8.52 8.40 9.46
C THR A 75 7.46 9.22 10.20
N TYR A 76 7.82 10.46 10.54
CA TYR A 76 6.98 11.40 11.34
C TYR A 76 5.94 12.06 10.43
N VAL A 77 6.38 12.56 9.27
CA VAL A 77 5.49 13.20 8.25
C VAL A 77 5.54 12.37 6.96
N SER A 78 4.43 11.70 6.63
CA SER A 78 4.33 10.76 5.48
C SER A 78 4.27 11.54 4.16
N SER A 79 4.91 10.99 3.13
CA SER A 79 4.84 11.48 1.72
C SER A 79 4.01 10.51 0.87
N HIS A 80 3.37 9.49 1.47
CA HIS A 80 2.59 8.44 0.74
C HIS A 80 1.14 8.35 1.22
N ASN A 81 0.86 8.64 2.50
CA ASN A 81 -0.48 8.52 3.11
C ASN A 81 -1.44 9.48 2.39
N ILE A 82 -2.30 8.95 1.53
CA ILE A 82 -3.22 9.76 0.67
C ILE A 82 -4.17 10.60 1.54
N ARG A 83 -4.35 10.25 2.82
CA ARG A 83 -5.27 10.95 3.75
C ARG A 83 -4.53 12.06 4.50
N ASN A 84 -3.19 12.06 4.52
CA ASN A 84 -2.42 13.12 5.22
C ASN A 84 -0.93 13.07 4.87
N THR A 85 -0.49 14.02 4.03
CA THR A 85 0.93 14.26 3.67
C THR A 85 1.41 15.62 4.19
N ARG A 86 0.59 16.35 4.95
CA ARG A 86 0.88 17.79 5.24
C ARG A 86 1.20 18.00 6.73
N SER A 87 0.67 17.16 7.63
CA SER A 87 0.95 17.26 9.08
C SER A 87 1.52 15.94 9.61
N ALA A 88 2.20 15.99 10.76
CA ALA A 88 2.70 14.78 11.45
C ALA A 88 1.54 13.82 11.69
N ASN A 89 1.76 12.53 11.42
CA ASN A 89 0.76 11.49 11.77
C ASN A 89 0.53 11.61 13.28
N PRO A 90 -0.68 12.01 13.71
CA PRO A 90 -0.91 12.23 15.14
C PRO A 90 -0.77 10.95 15.97
N SER A 91 -0.86 9.76 15.33
CA SER A 91 -0.71 8.46 16.02
C SER A 91 0.75 8.14 16.35
N TYR A 92 1.73 8.87 15.78
CA TYR A 92 3.18 8.61 16.01
C TYR A 92 3.84 9.73 16.83
N SER A 93 3.22 10.93 16.89
CA SER A 93 3.80 12.13 17.53
C SER A 93 2.75 12.90 18.34
N ILE A 94 3.03 13.15 19.62
CA ILE A 94 2.17 13.98 20.52
C ILE A 94 2.88 15.31 20.75
N ARG A 95 2.22 16.42 20.39
CA ARG A 95 2.74 17.79 20.57
C ARG A 95 2.91 18.08 22.06
N GLN A 96 4.10 18.54 22.46
CA GLN A 96 4.46 18.88 23.87
C GLN A 96 4.30 20.39 24.10
N ASP A 97 4.70 21.20 23.12
CA ASP A 97 4.74 22.68 23.18
C ASP A 97 4.61 23.23 21.77
N GLU A 98 4.24 24.51 21.66
CA GLU A 98 4.16 25.25 20.36
C GLU A 98 4.42 26.73 20.64
N VAL A 99 5.16 27.38 19.74
CA VAL A 99 5.44 28.85 19.76
C VAL A 99 5.07 29.43 18.38
N THR A 100 4.25 30.50 18.35
CA THR A 100 3.71 31.14 17.12
C THR A 100 4.47 32.41 16.76
N THR A 101 5.34 32.89 17.66
CA THR A 101 6.20 34.07 17.44
C THR A 101 7.64 33.66 17.80
N VAL A 102 8.52 33.61 16.80
CA VAL A 102 9.85 32.97 16.92
C VAL A 102 10.93 34.06 16.87
N ALA A 103 11.74 34.12 17.93
CA ALA A 103 12.90 35.01 18.07
C ALA A 103 14.17 34.20 17.81
N ASN A 104 15.33 34.89 17.80
CA ASN A 104 16.67 34.28 17.56
C ASN A 104 16.92 33.16 18.57
N THR A 105 16.46 33.31 19.81
CA THR A 105 16.41 32.21 20.82
C THR A 105 14.95 31.83 21.05
N LEU A 106 14.70 30.53 21.14
CA LEU A 106 13.36 29.90 21.31
C LEU A 106 13.52 28.75 22.29
N THR A 107 12.66 28.69 23.31
CA THR A 107 12.63 27.59 24.29
C THR A 107 11.33 26.79 24.08
N LEU A 108 11.43 25.47 24.18
CA LEU A 108 10.27 24.55 24.15
C LEU A 108 10.31 23.66 25.41
N LYS A 109 9.14 23.43 25.99
CA LYS A 109 8.98 22.74 27.29
C LYS A 109 8.19 21.44 27.08
N THR A 110 8.33 20.51 28.04
CA THR A 110 7.49 19.30 28.21
C THR A 110 7.38 18.99 29.69
N ARG A 111 6.41 18.17 30.06
CA ARG A 111 6.27 17.57 31.41
C ARG A 111 6.04 16.06 31.26
N GLN A 112 6.56 15.50 30.15
CA GLN A 112 6.36 14.08 29.74
C GLN A 112 7.39 13.20 30.45
N PRO A 113 6.98 12.26 31.32
CA PRO A 113 7.93 11.33 31.93
C PRO A 113 8.46 10.32 30.90
N MET A 114 9.79 10.30 30.69
CA MET A 114 10.46 9.40 29.71
C MET A 114 10.41 7.96 30.21
N VAL A 115 10.53 7.00 29.29
CA VAL A 115 10.68 5.54 29.61
C VAL A 115 12.17 5.23 29.80
N LYS A 116 12.45 4.08 30.40
CA LYS A 116 13.83 3.55 30.60
C LYS A 116 14.44 3.28 29.23
N GLY A 117 15.61 3.87 28.93
CA GLY A 117 16.32 3.70 27.66
C GLY A 117 15.97 4.81 26.68
N ILE A 118 15.74 4.46 25.41
CA ILE A 118 15.65 5.43 24.28
C ILE A 118 14.31 6.16 24.31
N ASN A 119 14.37 7.49 24.23
CA ASN A 119 13.21 8.39 24.03
C ASN A 119 13.50 9.28 22.82
N TYR A 120 12.47 9.51 22.00
CA TYR A 120 12.53 10.31 20.76
C TYR A 120 11.65 11.54 20.90
N PHE A 121 12.25 12.70 20.64
CA PHE A 121 11.57 13.99 20.42
C PHE A 121 12.02 14.53 19.07
N TRP A 122 11.26 15.46 18.52
CA TRP A 122 11.63 16.17 17.28
C TRP A 122 10.96 17.55 17.25
N VAL A 123 11.68 18.52 16.68
CA VAL A 123 11.20 19.90 16.46
C VAL A 123 10.62 19.97 15.04
N SER A 124 9.36 20.42 14.96
CA SER A 124 8.66 20.75 13.69
C SER A 124 8.77 22.25 13.44
N VAL A 125 8.90 22.66 12.18
CA VAL A 125 8.81 24.08 11.75
C VAL A 125 7.72 24.18 10.70
N GLU A 126 6.86 25.18 10.87
CA GLU A 126 5.81 25.56 9.89
C GLU A 126 6.17 26.94 9.38
N MET A 127 6.25 27.08 8.06
CA MET A 127 6.56 28.36 7.39
C MET A 127 5.25 29.00 6.93
N ASP A 128 5.28 30.32 6.73
CA ASP A 128 4.23 31.11 6.03
C ASP A 128 4.10 30.53 4.61
N ARG A 129 2.87 30.40 4.12
CA ARG A 129 2.56 29.80 2.79
C ARG A 129 3.26 30.60 1.68
N ASN A 130 3.58 31.87 1.94
CA ASN A 130 4.22 32.79 0.95
C ASN A 130 5.72 32.93 1.23
N THR A 131 6.29 32.10 2.10
CA THR A 131 7.74 32.08 2.41
C THR A 131 8.52 32.05 1.10
N SER A 132 9.56 32.88 0.99
CA SER A 132 10.49 32.91 -0.18
C SER A 132 11.15 31.53 -0.36
N LEU A 133 11.08 30.96 -1.57
CA LEU A 133 11.71 29.66 -1.90
C LEU A 133 13.24 29.76 -1.77
N LEU A 134 13.79 30.98 -1.72
CA LEU A 134 15.26 31.23 -1.66
C LEU A 134 15.72 31.49 -0.23
N SER A 135 14.81 31.59 0.75
CA SER A 135 15.18 31.82 2.17
C SER A 135 15.83 30.57 2.76
N LYS A 136 16.67 30.74 3.78
CA LYS A 136 17.36 29.62 4.47
C LYS A 136 17.28 29.84 5.98
N LEU A 137 17.19 28.74 6.74
CA LEU A 137 17.31 28.75 8.21
C LEU A 137 18.62 28.06 8.59
N THR A 138 19.39 28.69 9.48
CA THR A 138 20.57 28.14 10.18
C THR A 138 20.21 28.00 11.66
N SER A 139 19.85 26.79 12.08
CA SER A 139 19.28 26.51 13.42
C SER A 139 20.17 25.51 14.16
N THR A 140 20.39 25.72 15.47
CA THR A 140 21.20 24.85 16.36
C THR A 140 20.46 24.66 17.68
N VAL A 141 20.39 23.42 18.18
CA VAL A 141 19.96 23.13 19.58
C VAL A 141 21.14 23.48 20.47
N THR A 142 21.00 24.55 21.27
CA THR A 142 22.08 25.11 22.11
C THR A 142 21.99 24.54 23.54
N GLU A 143 20.79 24.18 23.98
CA GLU A 143 20.55 23.69 25.37
C GLU A 143 19.44 22.62 25.35
N VAL A 144 19.65 21.58 26.15
CA VAL A 144 18.62 20.58 26.55
C VAL A 144 18.79 20.36 28.06
N VAL A 145 17.72 20.56 28.83
CA VAL A 145 17.75 20.37 30.31
C VAL A 145 16.83 19.19 30.66
N ILE A 146 17.38 18.25 31.41
CA ILE A 146 16.66 17.04 31.92
C ILE A 146 16.81 17.04 33.44
N ASN A 147 15.68 17.07 34.16
CA ASN A 147 15.61 17.14 35.64
C ASN A 147 16.39 18.37 36.12
N ASP A 148 16.29 19.48 35.39
CA ASP A 148 16.85 20.82 35.75
C ASP A 148 18.39 20.77 35.75
N LYS A 149 18.99 19.88 34.95
CA LYS A 149 20.45 19.80 34.72
C LYS A 149 20.72 19.81 33.22
N PRO A 150 21.56 20.74 32.71
CA PRO A 150 21.82 20.84 31.27
C PRO A 150 22.68 19.67 30.77
N ALA A 151 22.10 18.78 29.96
CA ALA A 151 22.77 17.56 29.44
C ALA A 151 23.71 17.93 28.29
N VAL A 152 24.66 17.04 27.98
CA VAL A 152 25.70 17.24 26.93
C VAL A 152 25.03 16.99 25.56
N ILE A 153 25.14 17.99 24.66
CA ILE A 153 24.61 17.91 23.27
C ILE A 153 25.71 17.36 22.38
N ALA A 154 25.38 16.33 21.58
CA ALA A 154 26.24 15.75 20.53
C ALA A 154 25.46 15.70 19.21
N GLY A 155 26.18 15.63 18.10
CA GLY A 155 25.61 15.39 16.77
C GLY A 155 25.98 16.49 15.79
N GLU A 156 26.00 16.15 14.50
CA GLU A 156 26.23 17.11 13.39
C GLU A 156 24.88 17.74 13.06
N GLN A 157 24.75 19.05 13.34
CA GLN A 157 23.46 19.79 13.26
C GLN A 157 23.71 21.20 12.70
N ALA A 158 24.73 21.35 11.84
CA ALA A 158 25.19 22.66 11.29
C ALA A 158 24.65 22.87 9.86
N ALA A 159 23.74 22.00 9.39
CA ALA A 159 23.09 22.09 8.07
C ALA A 159 22.45 23.47 7.89
N VAL A 160 22.63 24.07 6.70
CA VAL A 160 21.85 25.26 6.23
C VAL A 160 20.61 24.73 5.52
N ARG A 161 19.45 24.86 6.15
CA ARG A 161 18.17 24.27 5.68
C ARG A 161 17.56 25.17 4.60
N ARG A 162 17.06 24.54 3.53
CA ARG A 162 16.48 25.22 2.35
C ARG A 162 14.97 24.98 2.34
N MET A 163 14.25 25.86 1.67
CA MET A 163 12.78 25.80 1.49
C MET A 163 12.48 24.98 0.21
N GLY A 164 11.26 24.49 0.10
CA GLY A 164 10.74 23.88 -1.13
C GLY A 164 9.24 23.97 -1.13
N ILE A 165 8.59 23.44 -2.16
CA ILE A 165 7.10 23.42 -2.24
C ILE A 165 6.67 22.06 -2.82
N GLY A 166 5.76 21.39 -2.11
CA GLY A 166 5.07 20.19 -2.57
C GLY A 166 4.04 20.48 -3.64
N VAL A 167 4.48 20.58 -4.90
CA VAL A 167 3.60 20.82 -6.08
C VAL A 167 2.54 19.73 -6.17
N ARG A 168 2.92 18.45 -5.96
CA ARG A 168 1.99 17.30 -5.94
C ARG A 168 2.28 16.43 -4.72
N HIS A 169 1.27 16.20 -3.89
CA HIS A 169 1.30 15.23 -2.77
C HIS A 169 0.50 14.00 -3.16
N ALA A 170 0.94 12.82 -2.72
CA ALA A 170 0.18 11.56 -2.80
C ALA A 170 -1.26 11.86 -2.36
N GLY A 171 -2.25 11.42 -3.15
CA GLY A 171 -3.67 11.62 -2.83
C GLY A 171 -4.25 12.90 -3.42
N ASP A 172 -3.42 13.81 -3.94
CA ASP A 172 -3.92 15.08 -4.55
C ASP A 172 -4.82 14.73 -5.75
N ASP A 173 -5.99 15.38 -5.82
CA ASP A 173 -6.96 15.27 -6.94
C ASP A 173 -7.32 13.80 -7.20
N GLY A 174 -7.49 13.01 -6.13
CA GLY A 174 -7.93 11.60 -6.20
C GLY A 174 -6.88 10.68 -6.82
N SER A 175 -5.62 11.12 -6.89
CA SER A 175 -4.51 10.30 -7.45
C SER A 175 -3.74 9.63 -6.31
N ALA A 176 -3.52 8.32 -6.40
CA ALA A 176 -2.70 7.53 -5.44
C ALA A 176 -1.28 8.09 -5.35
N SER A 177 -0.61 8.29 -6.47
CA SER A 177 0.81 8.75 -6.53
C SER A 177 1.07 9.57 -7.77
N PHE A 178 2.21 10.25 -7.77
CA PHE A 178 2.78 11.02 -8.90
C PHE A 178 4.24 10.62 -9.02
N ARG A 179 4.71 10.40 -10.25
CA ARG A 179 6.11 9.98 -10.53
C ARG A 179 6.59 10.62 -11.83
N ILE A 180 7.90 10.66 -12.02
CA ILE A 180 8.61 10.89 -13.31
C ILE A 180 8.51 12.37 -13.69
N PRO A 181 9.28 13.24 -13.01
CA PRO A 181 9.23 14.69 -13.25
C PRO A 181 9.93 15.14 -14.53
N GLY A 182 9.33 16.13 -15.20
CA GLY A 182 9.96 16.92 -16.28
C GLY A 182 9.71 18.40 -16.03
N LEU A 183 10.68 19.26 -16.36
CA LEU A 183 10.60 20.72 -16.07
C LEU A 183 11.28 21.51 -17.18
N VAL A 184 10.58 22.52 -17.70
CA VAL A 184 11.13 23.51 -18.65
C VAL A 184 10.71 24.91 -18.19
N THR A 185 11.42 25.91 -18.68
CA THR A 185 11.10 27.35 -18.48
C THR A 185 10.78 27.93 -19.85
N THR A 186 9.53 28.36 -20.05
CA THR A 186 9.06 28.94 -21.35
C THR A 186 9.75 30.29 -21.55
N ASN A 187 9.68 30.81 -22.78
CA ASN A 187 10.26 32.13 -23.16
C ASN A 187 9.62 33.26 -22.34
N LYS A 188 8.46 33.02 -21.72
CA LYS A 188 7.76 34.02 -20.87
C LYS A 188 8.17 33.85 -19.40
N GLY A 189 9.17 33.01 -19.11
CA GLY A 189 9.65 32.71 -17.75
C GLY A 189 8.69 31.85 -16.95
N THR A 190 7.72 31.21 -17.62
CA THR A 190 6.75 30.27 -16.99
C THR A 190 7.43 28.91 -16.76
N LEU A 191 7.32 28.37 -15.55
CA LEU A 191 7.72 26.99 -15.22
C LEU A 191 6.60 26.04 -15.59
N LEU A 192 6.92 25.01 -16.40
CA LEU A 192 5.98 23.90 -16.72
C LEU A 192 6.60 22.59 -16.21
N GLY A 193 5.92 21.96 -15.25
CA GLY A 193 6.34 20.67 -14.67
C GLY A 193 5.37 19.55 -15.06
N VAL A 194 5.87 18.46 -15.64
CA VAL A 194 5.04 17.30 -16.07
C VAL A 194 5.36 16.09 -15.19
N TYR A 195 4.42 15.15 -15.12
CA TYR A 195 4.55 13.92 -14.30
C TYR A 195 3.49 12.90 -14.70
N ASP A 196 3.74 11.63 -14.36
CA ASP A 196 2.68 10.60 -14.28
C ASP A 196 1.69 11.00 -13.20
N VAL A 197 0.40 10.93 -13.52
CA VAL A 197 -0.71 10.85 -12.54
C VAL A 197 -1.08 9.37 -12.46
N ARG A 198 -0.66 8.70 -11.40
CA ARG A 198 -0.91 7.25 -11.18
C ARG A 198 -2.08 7.12 -10.21
N TYR A 199 -3.28 6.87 -10.73
CA TYR A 199 -4.56 6.94 -9.97
C TYR A 199 -4.69 5.78 -8.98
N ASN A 200 -4.36 4.54 -9.38
CA ASN A 200 -4.72 3.30 -8.64
C ASN A 200 -3.68 2.99 -7.56
N ASN A 201 -2.41 3.31 -7.79
CA ASN A 201 -1.27 2.85 -6.96
C ASN A 201 -0.01 3.54 -7.49
N SER A 202 1.19 3.00 -7.23
CA SER A 202 2.45 3.60 -7.69
C SER A 202 3.21 2.67 -8.65
N VAL A 203 2.55 1.65 -9.21
CA VAL A 203 3.23 0.72 -10.17
C VAL A 203 3.30 1.37 -11.55
N ASP A 204 4.35 1.02 -12.29
CA ASP A 204 4.64 1.53 -13.66
C ASP A 204 3.56 1.07 -14.62
N LEU A 205 3.56 1.63 -15.83
CA LEU A 205 2.76 1.11 -16.97
C LEU A 205 3.00 -0.41 -17.05
N GLN A 206 1.97 -1.20 -17.35
CA GLN A 206 0.64 -0.76 -17.74
C GLN A 206 -0.20 -0.51 -16.48
N GLU A 207 -0.89 0.65 -16.43
CA GLU A 207 -1.89 0.99 -15.39
C GLU A 207 -2.70 2.22 -15.81
N HIS A 208 -3.61 2.67 -14.95
CA HIS A 208 -4.40 3.90 -15.15
C HIS A 208 -3.50 5.09 -14.85
N ILE A 209 -2.79 5.57 -15.87
CA ILE A 209 -1.81 6.69 -15.74
C ILE A 209 -2.11 7.73 -16.82
N ASP A 210 -2.20 8.99 -16.40
CA ASP A 210 -2.27 10.17 -17.30
C ASP A 210 -0.97 10.95 -17.13
N VAL A 211 -0.65 11.82 -18.09
CA VAL A 211 0.41 12.85 -17.94
C VAL A 211 -0.24 14.13 -17.41
N GLY A 212 0.19 14.60 -16.23
CA GLY A 212 -0.32 15.83 -15.60
C GLY A 212 0.61 16.99 -15.86
N LEU A 213 0.15 18.22 -15.61
CA LEU A 213 1.00 19.43 -15.76
C LEU A 213 0.64 20.46 -14.69
N SER A 214 1.68 21.02 -14.06
CA SER A 214 1.58 22.12 -13.09
C SER A 214 2.33 23.32 -13.66
N ARG A 215 1.69 24.49 -13.62
CA ARG A 215 2.16 25.75 -14.28
C ARG A 215 2.34 26.82 -13.21
N SER A 216 3.46 27.55 -13.26
CA SER A 216 3.79 28.64 -12.30
C SER A 216 4.32 29.87 -13.05
N THR A 217 3.63 31.01 -12.89
CA THR A 217 4.01 32.31 -13.49
C THR A 217 4.83 33.16 -12.51
N ASP A 218 5.16 32.64 -11.32
CA ASP A 218 5.85 33.41 -10.25
C ASP A 218 7.09 32.64 -9.73
N LYS A 219 7.79 31.93 -10.62
CA LYS A 219 9.09 31.26 -10.34
C LYS A 219 8.91 30.18 -9.26
N GLY A 220 7.72 29.59 -9.15
CA GLY A 220 7.43 28.40 -8.33
C GLY A 220 6.84 28.68 -6.96
N GLN A 221 6.60 29.95 -6.60
CA GLN A 221 5.95 30.31 -5.30
C GLN A 221 4.51 29.77 -5.27
N THR A 222 3.83 29.77 -6.41
CA THR A 222 2.43 29.30 -6.56
C THR A 222 2.30 28.52 -7.88
N TRP A 223 1.46 27.50 -7.86
CA TRP A 223 1.22 26.55 -8.97
C TRP A 223 -0.27 26.56 -9.29
N GLU A 224 -0.62 26.68 -10.56
CA GLU A 224 -2.03 26.64 -11.02
C GLU A 224 -2.53 25.22 -10.82
N PRO A 225 -3.87 25.01 -10.68
CA PRO A 225 -4.42 23.66 -10.55
C PRO A 225 -3.93 22.73 -11.68
N MET A 226 -3.91 21.44 -11.39
CA MET A 226 -3.36 20.40 -12.30
C MET A 226 -4.19 20.36 -13.59
N ARG A 227 -3.51 20.39 -14.72
CA ARG A 227 -4.07 20.13 -16.07
C ARG A 227 -3.64 18.73 -16.50
N ILE A 228 -4.51 18.03 -17.23
CA ILE A 228 -4.15 16.76 -17.91
C ILE A 228 -3.58 17.12 -19.28
N ALA A 229 -2.26 16.99 -19.43
CA ALA A 229 -1.54 17.28 -20.70
C ALA A 229 -1.80 16.16 -21.72
N MET A 230 -2.00 14.92 -21.24
CA MET A 230 -2.22 13.76 -22.14
C MET A 230 -2.89 12.60 -21.39
N SER A 231 -3.85 11.98 -22.07
CA SER A 231 -4.77 10.95 -21.51
C SER A 231 -5.31 10.13 -22.65
N PHE A 232 -5.63 8.86 -22.41
CA PHE A 232 -6.25 7.99 -23.45
C PHE A 232 -7.52 7.33 -22.94
N GLY A 233 -7.94 7.60 -21.70
CA GLY A 233 -9.23 7.13 -21.16
C GLY A 233 -9.58 5.74 -21.66
N GLU A 234 -10.80 5.56 -22.18
CA GLU A 234 -11.30 4.23 -22.64
C GLU A 234 -11.20 4.13 -24.17
N THR A 235 -10.04 4.47 -24.74
CA THR A 235 -9.74 4.36 -26.20
C THR A 235 -10.02 2.93 -26.69
N ASP A 236 -10.68 2.80 -27.85
CA ASP A 236 -11.07 1.53 -28.54
C ASP A 236 -11.95 0.65 -27.64
N GLY A 237 -12.51 1.22 -26.56
CA GLY A 237 -13.38 0.52 -25.60
C GLY A 237 -12.58 -0.39 -24.67
N LEU A 238 -11.26 -0.19 -24.58
CA LEU A 238 -10.41 -0.86 -23.56
C LEU A 238 -10.39 -0.04 -22.27
N PRO A 239 -10.33 -0.70 -21.10
CA PRO A 239 -10.35 0.01 -19.82
C PRO A 239 -9.21 1.05 -19.75
N SER A 240 -9.41 2.10 -18.94
CA SER A 240 -8.44 3.21 -18.77
C SER A 240 -7.15 2.64 -18.15
N GLY A 241 -7.27 1.54 -17.40
CA GLY A 241 -6.15 0.81 -16.77
C GLY A 241 -5.35 -0.03 -17.76
N GLN A 242 -5.87 -0.25 -18.97
CA GLN A 242 -5.13 -0.81 -20.13
C GLN A 242 -4.97 0.30 -21.19
N ASN A 243 -4.81 1.55 -20.77
CA ASN A 243 -4.66 2.72 -21.67
C ASN A 243 -3.78 3.80 -21.04
N GLY A 244 -2.91 3.46 -20.10
CA GLY A 244 -2.04 4.42 -19.42
C GLY A 244 -1.04 5.05 -20.39
N VAL A 245 -0.68 6.31 -20.14
CA VAL A 245 0.43 7.03 -20.84
C VAL A 245 1.29 7.68 -19.77
N GLY A 246 2.62 7.58 -19.88
CA GLY A 246 3.53 8.12 -18.86
C GLY A 246 4.99 8.19 -19.29
N ASP A 247 5.86 8.41 -18.29
CA ASP A 247 7.31 8.68 -18.44
C ASP A 247 7.50 9.92 -19.32
N PRO A 248 6.82 11.05 -19.00
CA PRO A 248 6.79 12.21 -19.90
C PRO A 248 8.15 12.90 -20.03
N SER A 249 8.45 13.39 -21.24
CA SER A 249 9.57 14.32 -21.53
C SER A 249 8.99 15.59 -22.16
N ILE A 250 9.46 16.73 -21.70
CA ILE A 250 8.98 18.08 -22.10
C ILE A 250 10.16 18.90 -22.64
N LEU A 251 9.95 19.65 -23.72
CA LEU A 251 10.90 20.69 -24.18
C LEU A 251 10.11 21.94 -24.57
N VAL A 252 10.77 23.09 -24.46
CA VAL A 252 10.32 24.38 -25.06
C VAL A 252 11.10 24.55 -26.36
N ASP A 253 10.38 24.62 -27.48
CA ASP A 253 10.94 25.15 -28.75
C ASP A 253 11.24 26.64 -28.51
N GLU A 254 12.52 26.98 -28.32
CA GLU A 254 12.97 28.34 -27.89
C GLU A 254 12.74 29.35 -29.03
N ARG A 255 12.61 28.90 -30.29
CA ARG A 255 12.37 29.76 -31.47
C ARG A 255 10.92 30.26 -31.48
N THR A 256 9.95 29.41 -31.11
CA THR A 256 8.50 29.69 -31.22
C THR A 256 7.80 29.79 -29.85
N ASN A 257 8.44 29.31 -28.78
CA ASN A 257 7.83 29.10 -27.44
C ASN A 257 6.74 28.01 -27.51
N THR A 258 6.62 27.28 -28.62
CA THR A 258 5.74 26.08 -28.68
C THR A 258 6.33 25.08 -27.69
N VAL A 259 5.52 24.56 -26.77
CA VAL A 259 5.96 23.52 -25.78
C VAL A 259 5.50 22.15 -26.29
N TRP A 260 6.38 21.16 -26.26
CA TRP A 260 6.11 19.76 -26.68
C TRP A 260 6.27 18.82 -25.49
N VAL A 261 5.32 17.92 -25.32
CA VAL A 261 5.41 16.80 -24.32
C VAL A 261 5.27 15.48 -25.07
N VAL A 262 6.26 14.60 -24.91
CA VAL A 262 6.28 13.23 -25.50
C VAL A 262 6.19 12.19 -24.37
N ALA A 263 5.50 11.10 -24.63
CA ALA A 263 5.14 10.09 -23.61
C ALA A 263 4.83 8.75 -24.29
N ALA A 264 4.86 7.67 -23.50
CA ALA A 264 4.63 6.28 -23.97
C ALA A 264 3.21 5.90 -23.58
N TRP A 265 2.40 5.60 -24.60
CA TRP A 265 1.01 5.11 -24.44
C TRP A 265 1.04 3.58 -24.61
N THR A 266 0.77 2.85 -23.53
CA THR A 266 0.58 1.39 -23.57
C THR A 266 -0.92 1.11 -23.65
N HIS A 267 -1.31 0.30 -24.63
CA HIS A 267 -2.71 -0.08 -24.95
C HIS A 267 -2.85 -1.61 -24.83
N GLY A 268 -3.67 -2.09 -23.89
CA GLY A 268 -3.84 -3.51 -23.56
C GLY A 268 -2.86 -3.93 -22.47
N MET A 269 -2.19 -5.07 -22.65
CA MET A 269 -1.05 -5.56 -21.81
C MET A 269 -1.48 -6.03 -20.42
N GLY A 270 -2.74 -6.43 -20.23
CA GLY A 270 -3.26 -6.84 -18.91
C GLY A 270 -2.94 -5.80 -17.85
N ASN A 271 -2.52 -6.23 -16.67
CA ASN A 271 -2.10 -5.34 -15.54
C ASN A 271 -0.64 -5.64 -15.20
N ALA A 272 0.22 -5.73 -16.21
CA ALA A 272 1.64 -6.17 -16.08
C ALA A 272 2.56 -5.08 -16.63
N ARG A 273 3.84 -5.19 -16.35
CA ARG A 273 4.84 -4.13 -16.66
C ARG A 273 5.08 -4.09 -18.19
N ALA A 274 4.99 -2.91 -18.80
CA ALA A 274 5.29 -2.66 -20.22
C ALA A 274 6.76 -2.96 -20.52
N TRP A 275 7.64 -2.65 -19.57
CA TRP A 275 9.10 -2.92 -19.63
C TRP A 275 9.36 -4.35 -20.15
N THR A 276 8.58 -5.34 -19.68
CA THR A 276 8.75 -6.77 -20.06
C THR A 276 7.67 -7.22 -21.06
N ASN A 277 6.58 -6.47 -21.26
CA ASN A 277 5.40 -7.00 -22.01
C ASN A 277 5.16 -6.28 -23.34
N SER A 278 5.73 -5.10 -23.56
CA SER A 278 5.75 -4.45 -24.89
C SER A 278 6.51 -5.36 -25.85
N MET A 279 5.92 -5.72 -26.98
CA MET A 279 6.48 -6.70 -27.95
C MET A 279 6.80 -6.02 -29.27
N PRO A 280 7.60 -6.67 -30.16
CA PRO A 280 7.86 -6.16 -31.50
C PRO A 280 6.58 -5.85 -32.29
N GLY A 281 6.69 -5.03 -33.35
CA GLY A 281 5.58 -4.54 -34.17
C GLY A 281 5.46 -3.02 -34.13
N MET A 282 4.31 -2.49 -34.57
CA MET A 282 4.10 -1.03 -34.78
C MET A 282 2.72 -0.56 -34.30
N THR A 283 1.70 -1.42 -34.30
CA THR A 283 0.30 -1.02 -33.96
C THR A 283 0.18 -0.86 -32.45
N PRO A 284 -0.84 -0.10 -31.96
CA PRO A 284 -1.06 0.06 -30.52
C PRO A 284 -1.37 -1.26 -29.79
N ASP A 285 -1.98 -2.24 -30.47
CA ASP A 285 -2.28 -3.58 -29.90
C ASP A 285 -0.98 -4.36 -29.71
N GLU A 286 0.05 -4.03 -30.50
CA GLU A 286 1.31 -4.79 -30.59
C GLU A 286 2.37 -4.24 -29.63
N THR A 287 2.48 -2.91 -29.50
CA THR A 287 3.65 -2.26 -28.85
C THR A 287 3.31 -0.88 -28.30
N ALA A 288 4.10 -0.43 -27.32
CA ALA A 288 4.05 0.93 -26.74
C ALA A 288 4.18 1.94 -27.88
N GLN A 289 3.42 3.02 -27.79
CA GLN A 289 3.34 4.06 -28.85
C GLN A 289 4.01 5.35 -28.33
N LEU A 290 4.72 6.04 -29.22
CA LEU A 290 5.38 7.34 -28.94
C LEU A 290 4.41 8.47 -29.31
N MET A 291 3.88 9.17 -28.32
CA MET A 291 2.77 10.14 -28.48
C MET A 291 3.26 11.54 -28.13
N MET A 292 2.78 12.56 -28.82
CA MET A 292 3.13 13.97 -28.49
C MET A 292 1.88 14.85 -28.47
N VAL A 293 1.88 15.80 -27.53
CA VAL A 293 0.95 16.95 -27.46
C VAL A 293 1.79 18.22 -27.51
N LYS A 294 1.17 19.35 -27.81
CA LYS A 294 1.85 20.66 -27.87
C LYS A 294 0.95 21.72 -27.25
N SER A 295 1.57 22.81 -26.79
CA SER A 295 0.88 24.02 -26.28
C SER A 295 1.46 25.24 -27.00
N THR A 296 0.58 26.04 -27.61
CA THR A 296 0.93 27.29 -28.31
C THR A 296 0.62 28.49 -27.41
N ASP A 297 0.03 28.24 -26.23
CA ASP A 297 -0.43 29.29 -25.28
C ASP A 297 0.32 29.16 -23.95
N ASP A 298 1.62 28.88 -23.99
CA ASP A 298 2.52 28.93 -22.81
C ASP A 298 2.07 27.90 -21.75
N GLY A 299 1.50 26.78 -22.21
CA GLY A 299 1.18 25.61 -21.36
C GLY A 299 -0.19 25.69 -20.72
N ARG A 300 -1.05 26.62 -21.15
CA ARG A 300 -2.43 26.79 -20.59
C ARG A 300 -3.34 25.66 -21.10
N THR A 301 -3.27 25.36 -22.39
CA THR A 301 -4.10 24.31 -23.04
C THR A 301 -3.21 23.43 -23.90
N TRP A 302 -3.67 22.21 -24.17
CA TRP A 302 -2.87 21.15 -24.84
C TRP A 302 -3.62 20.54 -26.02
N SER A 303 -2.91 20.40 -27.13
CA SER A 303 -3.41 19.75 -28.38
C SER A 303 -3.79 18.30 -28.08
N GLU A 304 -4.58 17.71 -28.99
CA GLU A 304 -4.82 16.25 -29.03
C GLU A 304 -3.49 15.57 -29.37
N SER A 305 -3.38 14.28 -29.03
CA SER A 305 -2.14 13.49 -29.23
C SER A 305 -1.96 13.16 -30.71
N THR A 306 -0.74 13.29 -31.22
CA THR A 306 -0.30 12.76 -32.54
C THR A 306 0.61 11.55 -32.28
N ASN A 307 0.54 10.54 -33.14
CA ASN A 307 1.29 9.25 -33.06
C ASN A 307 2.53 9.32 -33.95
N ILE A 308 3.71 9.37 -33.32
CA ILE A 308 5.06 9.56 -33.94
C ILE A 308 5.71 8.20 -34.21
N THR A 309 5.10 7.12 -33.71
CA THR A 309 5.67 5.74 -33.72
C THR A 309 6.19 5.38 -35.12
N SER A 310 5.36 5.58 -36.16
CA SER A 310 5.67 5.27 -37.59
C SER A 310 6.99 5.89 -38.05
N GLN A 311 7.30 7.11 -37.57
CA GLN A 311 8.45 7.91 -38.09
C GLN A 311 9.79 7.32 -37.62
N VAL A 312 9.87 6.84 -36.37
CA VAL A 312 11.18 6.66 -35.66
C VAL A 312 11.37 5.23 -35.15
N LYS A 313 10.31 4.47 -34.86
CA LYS A 313 10.43 3.11 -34.24
C LYS A 313 10.73 2.08 -35.32
N ASP A 314 11.83 1.35 -35.14
CA ASP A 314 12.12 0.09 -35.87
C ASP A 314 11.08 -0.96 -35.47
N PRO A 315 10.46 -1.67 -36.43
CA PRO A 315 9.49 -2.73 -36.11
C PRO A 315 10.00 -3.84 -35.19
N SER A 316 11.30 -4.14 -35.20
CA SER A 316 11.92 -5.29 -34.50
C SER A 316 12.14 -4.97 -33.00
N TRP A 317 12.09 -3.68 -32.64
CA TRP A 317 12.26 -3.22 -31.23
C TRP A 317 11.04 -3.63 -30.40
N CYS A 318 11.26 -4.10 -29.18
CA CYS A 318 10.20 -4.52 -28.23
C CYS A 318 9.50 -3.29 -27.64
N PHE A 319 10.24 -2.19 -27.51
CA PHE A 319 9.81 -0.96 -26.78
C PHE A 319 10.67 0.23 -27.21
N LEU A 320 10.03 1.25 -27.80
CA LEU A 320 10.65 2.60 -27.98
C LEU A 320 9.88 3.58 -27.09
N LEU A 321 10.62 4.37 -26.30
CA LEU A 321 10.03 5.53 -25.57
C LEU A 321 11.08 6.61 -25.39
N GLN A 322 10.58 7.83 -25.13
CA GLN A 322 11.39 9.00 -24.72
C GLN A 322 12.17 8.63 -23.46
N GLY A 323 13.31 9.27 -23.25
CA GLY A 323 13.94 9.42 -21.92
C GLY A 323 13.12 10.41 -21.10
N PRO A 324 12.68 10.05 -19.88
CA PRO A 324 11.86 10.94 -19.08
C PRO A 324 12.68 12.16 -18.62
N GLY A 325 11.97 13.27 -18.39
CA GLY A 325 12.55 14.56 -17.97
C GLY A 325 12.24 15.63 -19.00
N ARG A 326 13.27 16.06 -19.74
CA ARG A 326 13.15 17.15 -20.73
C ARG A 326 14.00 16.86 -21.97
N GLY A 327 13.69 17.60 -23.04
CA GLY A 327 14.51 17.72 -24.25
C GLY A 327 15.00 19.14 -24.34
N ILE A 328 15.60 19.51 -25.48
CA ILE A 328 16.23 20.85 -25.67
C ILE A 328 15.90 21.38 -27.06
N THR A 329 16.09 22.70 -27.21
CA THR A 329 16.35 23.37 -28.50
C THR A 329 17.85 23.61 -28.59
N MET A 330 18.47 23.28 -29.72
CA MET A 330 19.90 23.56 -29.99
C MET A 330 20.02 24.99 -30.54
N ARG A 331 21.25 25.50 -30.61
CA ARG A 331 21.57 26.88 -31.10
C ARG A 331 21.03 27.06 -32.52
N ASP A 332 21.07 26.03 -33.36
CA ASP A 332 20.59 26.08 -34.77
C ASP A 332 19.07 25.85 -34.84
N GLY A 333 18.40 25.60 -33.73
CA GLY A 333 16.94 25.45 -33.66
C GLY A 333 16.45 24.01 -33.80
N THR A 334 17.36 23.03 -33.90
CA THR A 334 16.98 21.59 -33.83
C THR A 334 16.37 21.30 -32.46
N LEU A 335 15.16 20.71 -32.43
CA LEU A 335 14.52 20.19 -31.20
C LEU A 335 15.05 18.78 -30.95
N VAL A 336 15.51 18.47 -29.73
CA VAL A 336 16.09 17.14 -29.41
C VAL A 336 15.41 16.56 -28.17
N PHE A 337 14.93 15.32 -28.30
CA PHE A 337 14.38 14.49 -27.20
C PHE A 337 15.25 13.24 -27.04
N PRO A 338 15.86 13.00 -25.85
CA PRO A 338 16.52 11.73 -25.58
C PRO A 338 15.49 10.60 -25.70
N ILE A 339 15.91 9.46 -26.25
CA ILE A 339 15.07 8.23 -26.40
C ILE A 339 15.83 7.03 -25.84
N GLN A 340 15.11 5.90 -25.75
CA GLN A 340 15.63 4.59 -25.30
C GLN A 340 14.80 3.53 -26.03
N PHE A 341 15.44 2.47 -26.53
CA PHE A 341 14.72 1.36 -27.20
C PHE A 341 15.30 0.02 -26.74
N ILE A 342 14.40 -0.94 -26.50
CA ILE A 342 14.72 -2.36 -26.19
C ILE A 342 14.70 -3.10 -27.53
N ASP A 343 15.82 -3.69 -27.93
CA ASP A 343 15.95 -4.36 -29.25
C ASP A 343 15.34 -5.77 -29.16
N SER A 344 15.32 -6.49 -30.29
CA SER A 344 14.72 -7.84 -30.46
C SER A 344 15.24 -8.82 -29.40
N LEU A 345 16.45 -8.63 -28.87
CA LEU A 345 17.07 -9.52 -27.86
C LEU A 345 16.95 -8.95 -26.44
N ARG A 346 16.05 -7.98 -26.21
CA ARG A 346 15.71 -7.39 -24.88
C ARG A 346 16.91 -6.63 -24.29
N VAL A 347 17.74 -6.04 -25.15
CA VAL A 347 18.92 -5.22 -24.72
C VAL A 347 18.56 -3.75 -24.90
N PRO A 348 18.52 -2.96 -23.81
CA PRO A 348 18.18 -1.54 -23.91
C PRO A 348 19.34 -0.66 -24.38
N HIS A 349 19.04 0.35 -25.21
CA HIS A 349 20.01 1.34 -25.73
C HIS A 349 19.45 2.77 -25.54
N ALA A 350 20.31 3.70 -25.12
CA ALA A 350 20.01 5.15 -25.04
C ALA A 350 20.45 5.83 -26.34
N GLY A 351 19.63 6.72 -26.88
CA GLY A 351 19.94 7.54 -28.07
C GLY A 351 19.26 8.88 -28.01
N ILE A 352 19.22 9.59 -29.15
CA ILE A 352 18.48 10.88 -29.29
C ILE A 352 17.55 10.82 -30.50
N MET A 353 16.45 11.55 -30.38
CA MET A 353 15.44 11.80 -31.45
C MET A 353 15.42 13.32 -31.67
N TYR A 354 15.49 13.77 -32.92
CA TYR A 354 15.57 15.22 -33.25
C TYR A 354 14.58 15.56 -34.36
N SER A 355 14.22 16.84 -34.43
CA SER A 355 13.40 17.45 -35.51
C SER A 355 14.07 18.74 -35.98
N LYS A 356 14.08 19.00 -37.29
CA LYS A 356 14.69 20.21 -37.90
C LYS A 356 13.58 21.09 -38.49
N ASP A 357 12.32 20.79 -38.19
CA ASP A 357 11.13 21.37 -38.88
C ASP A 357 10.08 21.79 -37.85
N ARG A 358 10.52 22.31 -36.68
CA ARG A 358 9.64 22.83 -35.59
C ARG A 358 8.78 21.71 -34.99
N GLY A 359 9.23 20.45 -35.13
CA GLY A 359 8.58 19.26 -34.52
C GLY A 359 7.58 18.60 -35.45
N GLU A 360 7.73 18.80 -36.77
CA GLU A 360 6.80 18.23 -37.80
C GLU A 360 7.17 16.76 -38.06
N THR A 361 8.46 16.48 -38.25
CA THR A 361 8.98 15.10 -38.48
C THR A 361 10.18 14.87 -37.58
N TRP A 362 10.30 13.65 -37.04
CA TRP A 362 11.33 13.24 -36.06
C TRP A 362 12.17 12.09 -36.64
N HIS A 363 13.44 12.02 -36.29
CA HIS A 363 14.43 11.04 -36.81
C HIS A 363 15.27 10.50 -35.66
N ILE A 364 15.59 9.21 -35.72
CA ILE A 364 16.57 8.53 -34.82
C ILE A 364 17.56 7.80 -35.70
N HIS A 365 18.86 7.91 -35.40
CA HIS A 365 19.97 7.27 -36.15
C HIS A 365 20.45 6.06 -35.34
N GLN A 366 21.63 6.16 -34.70
CA GLN A 366 22.31 5.03 -34.01
C GLN A 366 22.20 5.20 -32.49
N PRO A 367 22.19 4.07 -31.73
CA PRO A 367 22.27 4.13 -30.28
C PRO A 367 23.68 4.57 -29.87
N ALA A 368 23.81 5.19 -28.69
CA ALA A 368 25.11 5.66 -28.13
C ALA A 368 25.87 4.50 -27.46
N ARG A 369 25.17 3.61 -26.77
CA ARG A 369 25.85 2.65 -25.85
C ARG A 369 24.85 1.56 -25.45
N THR A 370 25.32 0.32 -25.39
CA THR A 370 24.50 -0.87 -25.05
C THR A 370 24.22 -0.90 -23.54
N ASN A 371 23.09 -1.48 -23.14
CA ASN A 371 22.70 -1.67 -21.72
C ASN A 371 22.63 -0.32 -21.00
N THR A 372 22.14 0.71 -21.69
CA THR A 372 21.72 2.00 -21.09
C THR A 372 20.23 2.20 -21.36
N THR A 373 19.58 3.07 -20.58
CA THR A 373 18.12 3.34 -20.72
C THR A 373 17.90 4.85 -20.73
N GLU A 374 17.57 5.39 -19.55
CA GLU A 374 17.12 6.79 -19.36
C GLU A 374 18.32 7.69 -19.54
N ALA A 375 18.21 8.68 -20.43
CA ALA A 375 19.27 9.65 -20.72
C ALA A 375 18.68 11.06 -20.82
N GLN A 376 19.53 12.05 -20.59
CA GLN A 376 19.24 13.49 -20.83
C GLN A 376 20.39 14.06 -21.66
N VAL A 377 20.08 15.00 -22.56
CA VAL A 377 21.06 15.53 -23.53
C VAL A 377 21.19 17.04 -23.32
N ALA A 378 22.41 17.56 -23.48
CA ALA A 378 22.70 19.01 -23.48
C ALA A 378 23.66 19.32 -24.61
N GLU A 379 23.55 20.53 -25.16
CA GLU A 379 24.45 21.05 -26.21
C GLU A 379 25.60 21.75 -25.50
N VAL A 380 26.64 21.00 -25.12
CA VAL A 380 27.83 21.48 -24.34
C VAL A 380 28.52 22.62 -25.09
N GLU A 381 28.66 22.48 -26.41
CA GLU A 381 29.30 23.47 -27.32
C GLU A 381 28.46 23.49 -28.60
N PRO A 382 28.62 24.52 -29.46
CA PRO A 382 27.84 24.60 -30.69
C PRO A 382 27.92 23.31 -31.53
N GLY A 383 26.77 22.71 -31.86
CA GLY A 383 26.65 21.55 -32.77
C GLY A 383 27.05 20.24 -32.12
N VAL A 384 27.38 20.26 -30.82
CA VAL A 384 28.04 19.13 -30.08
C VAL A 384 27.13 18.73 -28.91
N LEU A 385 26.56 17.52 -28.97
CA LEU A 385 25.58 17.01 -27.97
C LEU A 385 26.29 16.03 -27.02
N MET A 386 26.05 16.22 -25.71
CA MET A 386 26.48 15.32 -24.63
C MET A 386 25.27 14.52 -24.15
N LEU A 387 25.30 13.20 -24.34
CA LEU A 387 24.26 12.28 -23.81
C LEU A 387 24.75 11.65 -22.50
N ASN A 388 24.01 11.93 -21.42
CA ASN A 388 24.29 11.46 -20.05
C ASN A 388 23.29 10.34 -19.74
N MET A 389 23.77 9.12 -19.47
CA MET A 389 22.97 7.87 -19.56
C MET A 389 22.95 7.11 -18.23
N ARG A 390 21.78 6.57 -17.87
CA ARG A 390 21.57 5.51 -16.85
C ARG A 390 22.18 4.21 -17.37
N ASP A 391 23.07 3.57 -16.60
CA ASP A 391 23.87 2.40 -17.06
C ASP A 391 23.54 1.17 -16.19
N ASN A 392 23.07 0.08 -16.81
CA ASN A 392 22.64 -1.16 -16.09
C ASN A 392 23.85 -1.87 -15.48
N ARG A 393 25.08 -1.46 -15.83
CA ARG A 393 26.34 -2.01 -15.26
C ARG A 393 26.50 -1.55 -13.80
N GLY A 394 25.94 -0.40 -13.42
CA GLY A 394 25.88 0.09 -12.03
C GLY A 394 27.01 1.04 -11.69
N GLY A 395 26.84 1.85 -10.64
CA GLY A 395 27.95 2.61 -10.03
C GLY A 395 28.13 4.02 -10.58
N SER A 396 27.88 4.28 -11.86
CA SER A 396 28.27 5.56 -12.52
C SER A 396 27.53 5.81 -13.83
N ARG A 397 27.32 7.09 -14.16
CA ARG A 397 26.68 7.52 -15.42
C ARG A 397 27.61 7.21 -16.60
N ALA A 398 27.05 6.72 -17.70
CA ALA A 398 27.71 6.69 -19.03
C ALA A 398 27.58 8.08 -19.67
N VAL A 399 28.66 8.57 -20.29
CA VAL A 399 28.66 9.88 -21.00
C VAL A 399 29.27 9.72 -22.39
N SER A 400 28.52 10.09 -23.42
CA SER A 400 28.97 10.09 -24.83
C SER A 400 28.78 11.49 -25.45
N ILE A 401 29.41 11.70 -26.60
CA ILE A 401 29.37 12.94 -27.41
C ILE A 401 28.97 12.56 -28.83
N THR A 402 28.11 13.36 -29.45
CA THR A 402 27.81 13.27 -30.90
C THR A 402 27.82 14.68 -31.48
N ARG A 403 28.40 14.84 -32.67
CA ARG A 403 28.37 16.13 -33.40
C ARG A 403 27.70 15.90 -34.74
N ASP A 404 26.95 14.80 -34.88
CA ASP A 404 26.20 14.46 -36.12
C ASP A 404 24.79 13.96 -35.75
N LEU A 405 24.28 14.33 -34.57
CA LEU A 405 22.90 14.03 -34.09
C LEU A 405 22.66 12.52 -33.99
N GLY A 406 23.73 11.76 -33.69
CA GLY A 406 23.66 10.36 -33.27
C GLY A 406 23.98 9.36 -34.37
N LYS A 407 24.51 9.81 -35.52
CA LYS A 407 24.99 8.90 -36.59
C LYS A 407 26.26 8.20 -36.09
N SER A 408 27.11 8.91 -35.36
CA SER A 408 28.30 8.39 -34.66
C SER A 408 28.39 8.99 -33.25
N TRP A 409 28.98 8.25 -32.32
CA TRP A 409 29.14 8.61 -30.90
C TRP A 409 30.60 8.38 -30.51
N THR A 410 31.12 9.22 -29.63
CA THR A 410 32.44 9.02 -28.99
C THR A 410 32.25 9.11 -27.49
N GLU A 411 32.96 8.25 -26.75
CA GLU A 411 33.00 8.26 -25.27
C GLU A 411 33.58 9.59 -24.82
N HIS A 412 32.97 10.19 -23.80
CA HIS A 412 33.48 11.42 -23.16
C HIS A 412 34.49 11.02 -22.09
N SER A 413 35.42 11.89 -21.76
CA SER A 413 36.47 11.68 -20.73
C SER A 413 35.82 11.36 -19.37
N SER A 414 34.60 11.82 -19.11
CA SER A 414 33.91 11.67 -17.79
C SER A 414 33.15 10.34 -17.71
N ASN A 415 33.04 9.62 -18.83
CA ASN A 415 32.26 8.36 -18.97
C ASN A 415 32.60 7.39 -17.83
N ARG A 416 31.57 6.87 -17.17
CA ARG A 416 31.67 5.74 -16.20
C ARG A 416 32.76 6.04 -15.16
N SER A 417 32.88 7.29 -14.73
CA SER A 417 33.96 7.71 -13.79
C SER A 417 33.47 8.84 -12.88
N ALA A 418 33.09 9.99 -13.43
CA ALA A 418 32.99 11.28 -12.70
C ALA A 418 31.66 11.42 -11.93
N LEU A 419 30.57 10.80 -12.41
CA LEU A 419 29.21 10.96 -11.83
C LEU A 419 28.69 9.63 -11.29
N PRO A 420 28.72 9.43 -9.95
CA PRO A 420 28.19 8.21 -9.35
C PRO A 420 26.67 8.12 -9.52
N GLU A 421 26.13 6.91 -9.60
CA GLU A 421 24.67 6.67 -9.57
C GLU A 421 24.36 5.24 -9.11
N SER A 422 23.09 4.98 -8.78
CA SER A 422 22.55 3.70 -8.27
C SER A 422 21.65 3.07 -9.32
N ILE A 423 21.77 3.53 -10.57
CA ILE A 423 20.94 3.12 -11.73
C ILE A 423 19.57 3.80 -11.58
N CYS A 424 19.53 5.07 -11.94
CA CYS A 424 18.38 5.98 -11.69
C CYS A 424 18.39 7.09 -12.75
N MET A 425 17.23 7.66 -13.03
CA MET A 425 17.11 8.84 -13.92
C MET A 425 17.98 9.95 -13.33
N ALA A 426 18.64 10.72 -14.19
CA ALA A 426 19.38 11.94 -13.81
C ALA A 426 19.07 13.05 -14.82
N SER A 427 19.11 14.29 -14.35
CA SER A 427 18.93 15.50 -15.17
C SER A 427 20.28 16.11 -15.50
N LEU A 428 20.42 16.60 -16.73
CA LEU A 428 21.59 17.40 -17.21
C LEU A 428 21.02 18.51 -18.09
N ILE A 429 21.49 19.74 -17.87
CA ILE A 429 21.19 20.91 -18.73
C ILE A 429 22.48 21.71 -18.93
N SER A 430 22.52 22.51 -19.99
CA SER A 430 23.59 23.48 -20.28
C SER A 430 23.02 24.90 -20.09
N VAL A 431 23.86 25.83 -19.64
CA VAL A 431 23.51 27.27 -19.48
C VAL A 431 24.58 28.08 -20.20
N LYS A 432 24.18 28.89 -21.18
CA LYS A 432 25.13 29.76 -21.95
C LYS A 432 25.62 30.88 -21.02
N ALA A 433 26.84 31.37 -21.25
CA ALA A 433 27.53 32.41 -20.44
C ALA A 433 26.67 33.68 -20.36
N LYS A 434 26.11 34.11 -21.50
CA LYS A 434 25.29 35.34 -21.63
C LYS A 434 23.93 35.19 -20.93
N ASP A 435 23.50 33.96 -20.63
CA ASP A 435 22.15 33.67 -20.08
C ASP A 435 22.20 33.53 -18.55
N ASN A 436 23.36 33.69 -17.92
CA ASN A 436 23.49 33.49 -16.44
C ASN A 436 24.46 34.49 -15.82
N ILE A 437 24.32 34.71 -14.50
CA ILE A 437 24.96 35.80 -13.70
C ILE A 437 26.47 35.57 -13.55
N ILE A 438 26.95 34.31 -13.56
CA ILE A 438 28.38 33.96 -13.39
C ILE A 438 29.14 34.39 -14.66
N GLY A 439 28.46 34.51 -15.79
CA GLY A 439 29.05 34.96 -17.07
C GLY A 439 29.95 33.90 -17.71
N LYS A 440 29.72 32.61 -17.42
CA LYS A 440 30.48 31.46 -17.98
C LYS A 440 29.51 30.32 -18.32
N ASP A 441 29.85 29.55 -19.35
CA ASP A 441 29.11 28.32 -19.75
C ASP A 441 29.09 27.36 -18.57
N LEU A 442 27.90 26.85 -18.23
CA LEU A 442 27.69 25.86 -17.15
C LEU A 442 27.08 24.60 -17.74
N LEU A 443 27.42 23.46 -17.15
CA LEU A 443 26.57 22.24 -17.14
C LEU A 443 26.04 22.05 -15.72
N LEU A 444 24.75 21.77 -15.58
CA LEU A 444 24.13 21.45 -14.27
C LEU A 444 23.55 20.04 -14.36
N PHE A 445 23.76 19.26 -13.30
CA PHE A 445 23.41 17.82 -13.22
C PHE A 445 22.74 17.58 -11.87
N SER A 446 21.71 16.75 -11.84
CA SER A 446 21.06 16.33 -10.58
C SER A 446 20.72 14.84 -10.63
N ASN A 447 20.91 14.15 -9.51
CA ASN A 447 20.54 12.72 -9.34
C ASN A 447 20.69 12.37 -7.86
N PRO A 448 20.36 11.13 -7.45
CA PRO A 448 20.73 10.65 -6.12
C PRO A 448 22.22 10.33 -6.14
N ASN A 449 23.01 11.10 -5.39
CA ASN A 449 24.50 11.07 -5.36
C ASN A 449 24.93 9.90 -4.46
N THR A 450 24.71 8.66 -4.93
CA THR A 450 24.98 7.40 -4.20
C THR A 450 25.07 6.27 -5.23
N THR A 451 25.78 5.18 -4.88
CA THR A 451 25.85 3.96 -5.71
C THR A 451 24.78 2.96 -5.26
N GLU A 452 24.15 3.19 -4.11
CA GLU A 452 23.11 2.30 -3.52
C GLU A 452 21.94 3.15 -3.01
N GLY A 453 20.72 2.69 -3.31
CA GLY A 453 19.46 3.33 -2.91
C GLY A 453 19.21 4.59 -3.70
N ARG A 454 18.23 5.39 -3.27
CA ARG A 454 17.90 6.70 -3.89
C ARG A 454 17.71 7.71 -2.77
N HIS A 455 18.76 8.48 -2.54
CA HIS A 455 18.85 9.52 -1.48
C HIS A 455 20.01 10.44 -1.85
N HIS A 456 20.22 11.47 -1.04
CA HIS A 456 21.27 12.51 -1.27
C HIS A 456 21.07 13.07 -2.68
N ILE A 457 19.84 13.47 -3.01
CA ILE A 457 19.53 14.26 -4.24
C ILE A 457 20.37 15.54 -4.15
N THR A 458 21.15 15.80 -5.19
CA THR A 458 22.24 16.81 -5.20
C THR A 458 22.28 17.44 -6.59
N ILE A 459 22.40 18.77 -6.65
CA ILE A 459 22.75 19.49 -7.91
C ILE A 459 24.26 19.66 -7.93
N LYS A 460 24.88 19.36 -9.07
CA LYS A 460 26.35 19.49 -9.30
C LYS A 460 26.55 20.42 -10.50
N ALA A 461 27.58 21.26 -10.45
CA ALA A 461 27.92 22.20 -11.53
C ALA A 461 29.32 21.89 -12.05
N SER A 462 29.50 22.01 -13.37
CA SER A 462 30.78 21.89 -14.10
C SER A 462 31.02 23.17 -14.92
N LEU A 463 32.21 23.76 -14.76
CA LEU A 463 32.67 24.97 -15.47
C LEU A 463 33.44 24.59 -16.74
N ASP A 464 33.82 23.31 -16.92
CA ASP A 464 34.71 22.85 -18.02
C ASP A 464 33.99 21.82 -18.91
N GLY A 465 32.69 22.00 -19.17
CA GLY A 465 31.90 21.18 -20.09
C GLY A 465 31.79 19.72 -19.67
N GLY A 466 31.64 19.46 -18.37
CA GLY A 466 31.40 18.13 -17.80
C GLY A 466 32.64 17.26 -17.74
N VAL A 467 33.82 17.83 -17.94
CA VAL A 467 35.11 17.11 -17.77
C VAL A 467 35.34 16.90 -16.26
N THR A 468 35.03 17.91 -15.44
CA THR A 468 35.19 17.88 -13.97
C THR A 468 33.93 18.37 -13.24
N TRP A 469 33.58 17.69 -12.16
CA TRP A 469 32.48 18.08 -11.23
C TRP A 469 33.06 18.25 -9.83
N LEU A 470 33.58 19.44 -9.52
CA LEU A 470 34.26 19.71 -8.24
C LEU A 470 33.28 19.58 -7.08
N PRO A 471 33.70 18.95 -5.96
CA PRO A 471 32.84 18.78 -4.78
C PRO A 471 32.31 20.09 -4.20
N ALA A 472 33.07 21.17 -4.36
CA ALA A 472 32.71 22.52 -3.85
C ALA A 472 31.50 23.08 -4.61
N HIS A 473 31.28 22.62 -5.86
CA HIS A 473 30.25 23.15 -6.80
C HIS A 473 29.02 22.25 -6.81
N GLN A 474 28.57 21.88 -5.60
CA GLN A 474 27.46 20.93 -5.39
C GLN A 474 26.59 21.44 -4.24
N VAL A 475 25.30 21.18 -4.29
CA VAL A 475 24.32 21.51 -3.23
C VAL A 475 23.50 20.26 -2.96
N LEU A 476 23.62 19.69 -1.76
CA LEU A 476 22.74 18.61 -1.26
C LEU A 476 21.39 19.21 -0.86
N LEU A 477 20.29 18.67 -1.41
CA LEU A 477 18.89 19.10 -1.12
C LEU A 477 18.14 18.07 -0.27
N ASP A 478 18.34 16.76 -0.49
CA ASP A 478 17.48 15.73 0.17
C ASP A 478 18.26 14.45 0.47
N GLU A 479 18.72 14.28 1.72
CA GLU A 479 19.59 13.17 2.14
C GLU A 479 18.76 11.95 2.58
N GLU A 480 17.43 12.02 2.53
CA GLU A 480 16.55 10.90 2.94
C GLU A 480 15.95 10.23 1.70
N ASP A 481 15.24 9.13 1.91
CA ASP A 481 14.91 8.15 0.84
C ASP A 481 13.71 8.65 0.04
N GLY A 482 13.78 8.47 -1.28
CA GLY A 482 12.68 8.77 -2.20
C GLY A 482 12.84 7.96 -3.46
N TRP A 483 12.05 8.27 -4.49
CA TRP A 483 12.01 7.50 -5.75
C TRP A 483 13.06 8.01 -6.74
N GLY A 484 13.67 9.18 -6.46
CA GLY A 484 15.00 9.55 -7.01
C GLY A 484 15.01 10.40 -8.28
N TYR A 485 13.92 10.46 -9.06
CA TYR A 485 13.93 11.12 -10.40
C TYR A 485 13.91 12.64 -10.17
N SER A 486 14.63 13.38 -11.02
CA SER A 486 14.72 14.87 -10.94
C SER A 486 14.75 15.48 -12.33
N CYS A 487 14.44 16.77 -12.45
CA CYS A 487 14.67 17.53 -13.71
C CYS A 487 15.01 18.98 -13.38
N LEU A 488 16.03 19.52 -14.06
CA LEU A 488 16.49 20.91 -13.87
C LEU A 488 15.96 21.83 -14.99
N SER A 489 15.66 23.07 -14.63
CA SER A 489 15.42 24.20 -15.58
C SER A 489 15.85 25.49 -14.92
N MET A 490 16.70 26.28 -15.60
CA MET A 490 17.01 27.67 -15.18
C MET A 490 15.70 28.45 -15.11
N ILE A 491 15.42 29.07 -13.96
CA ILE A 491 14.22 29.92 -13.71
C ILE A 491 14.49 31.29 -14.36
N ASP A 492 15.65 31.88 -14.03
CA ASP A 492 16.08 33.22 -14.51
C ASP A 492 17.60 33.19 -14.65
N ARG A 493 18.25 34.36 -14.72
CA ARG A 493 19.71 34.48 -14.89
C ARG A 493 20.46 34.02 -13.64
N GLU A 494 19.79 33.97 -12.47
CA GLU A 494 20.46 33.85 -11.15
C GLU A 494 20.16 32.52 -10.44
N THR A 495 19.14 31.78 -10.87
CA THR A 495 18.55 30.66 -10.08
C THR A 495 18.23 29.50 -11.00
N VAL A 496 18.52 28.29 -10.52
CA VAL A 496 18.10 27.03 -11.20
C VAL A 496 16.97 26.41 -10.37
N GLY A 497 15.96 25.91 -11.07
CA GLY A 497 14.85 25.15 -10.50
C GLY A 497 15.09 23.66 -10.67
N ILE A 498 14.64 22.89 -9.68
CA ILE A 498 14.68 21.39 -9.70
C ILE A 498 13.27 20.91 -9.34
N PHE A 499 12.72 20.04 -10.19
CA PHE A 499 11.41 19.40 -10.03
C PHE A 499 11.65 17.90 -9.86
N TYR A 500 11.49 17.37 -8.65
CA TYR A 500 12.02 16.03 -8.32
C TYR A 500 11.13 15.28 -7.32
N GLU A 501 11.23 13.95 -7.39
CA GLU A 501 10.66 13.00 -6.39
C GLU A 501 11.56 13.05 -5.17
N SER A 502 11.01 13.37 -4.01
CA SER A 502 11.78 13.70 -2.79
C SER A 502 11.21 12.92 -1.60
N SER A 503 11.88 13.02 -0.46
CA SER A 503 11.48 12.36 0.80
C SER A 503 10.28 13.07 1.42
N VAL A 504 9.93 14.27 0.92
CA VAL A 504 8.89 15.16 1.55
C VAL A 504 7.66 15.31 0.64
N ALA A 505 7.77 15.02 -0.66
CA ALA A 505 6.61 15.05 -1.57
C ALA A 505 6.93 14.42 -2.92
N HIS A 506 5.94 13.77 -3.53
CA HIS A 506 6.02 13.06 -4.84
C HIS A 506 6.54 14.00 -5.93
N MET A 507 6.03 15.24 -5.98
CA MET A 507 6.59 16.30 -6.87
C MET A 507 6.98 17.50 -6.02
N THR A 508 8.28 17.70 -5.87
CA THR A 508 8.90 18.76 -5.02
C THR A 508 9.57 19.76 -5.96
N PHE A 509 9.38 21.05 -5.71
CA PHE A 509 10.09 22.14 -6.43
C PHE A 509 10.96 22.91 -5.43
N GLN A 510 12.20 23.16 -5.83
CA GLN A 510 13.16 24.00 -5.09
C GLN A 510 13.88 24.91 -6.08
N ALA A 511 14.33 26.08 -5.61
CA ALA A 511 15.10 27.07 -6.37
C ALA A 511 16.42 27.27 -5.63
N VAL A 512 17.51 27.32 -6.38
CA VAL A 512 18.89 27.43 -5.85
C VAL A 512 19.59 28.53 -6.65
N LYS A 513 20.17 29.50 -5.95
CA LYS A 513 21.00 30.55 -6.58
C LYS A 513 22.23 29.87 -7.19
N ILE A 514 22.57 30.23 -8.43
CA ILE A 514 23.83 29.83 -9.12
C ILE A 514 25.03 30.09 -8.19
N LYS A 515 25.03 31.19 -7.42
CA LYS A 515 26.15 31.62 -6.55
C LYS A 515 26.28 30.73 -5.31
N ASP A 516 25.24 29.96 -4.96
CA ASP A 516 25.30 28.91 -3.91
C ASP A 516 26.04 27.69 -4.47
N LEU A 517 25.84 27.38 -5.75
CA LEU A 517 26.58 26.31 -6.46
C LEU A 517 28.04 26.72 -6.61
N ILE A 518 28.31 27.86 -7.22
CA ILE A 518 29.70 28.32 -7.55
C ILE A 518 30.06 29.53 -6.69
N ARG A 519 30.71 29.28 -5.53
CA ARG A 519 31.08 30.32 -4.51
C ARG A 519 32.51 30.78 -4.78
N ASP B 1 -14.97 -19.53 -32.12
CA ASP B 1 -14.45 -20.94 -32.03
C ASP B 1 -14.73 -21.50 -30.63
N SER B 2 -13.90 -21.16 -29.63
CA SER B 2 -13.89 -21.74 -28.26
C SER B 2 -13.84 -20.62 -27.20
N VAL B 3 -14.60 -20.77 -26.10
CA VAL B 3 -14.77 -19.77 -25.01
C VAL B 3 -14.75 -20.51 -23.66
N TYR B 4 -13.97 -20.03 -22.70
CA TYR B 4 -13.81 -20.63 -21.35
C TYR B 4 -14.56 -19.78 -20.33
N VAL B 5 -15.25 -20.45 -19.39
CA VAL B 5 -16.14 -19.83 -18.36
C VAL B 5 -15.74 -20.35 -16.98
N GLN B 6 -15.67 -19.45 -16.01
CA GLN B 6 -15.42 -19.77 -14.59
C GLN B 6 -16.57 -19.19 -13.77
N ASN B 7 -17.16 -20.01 -12.90
CA ASN B 7 -18.13 -19.58 -11.87
C ASN B 7 -17.40 -19.68 -10.53
N PRO B 8 -16.72 -18.61 -10.07
CA PRO B 8 -15.82 -18.71 -8.91
C PRO B 8 -16.58 -18.93 -7.60
N GLN B 9 -16.16 -19.96 -6.85
CA GLN B 9 -16.75 -20.27 -5.52
C GLN B 9 -16.27 -19.22 -4.51
N ILE B 10 -16.84 -18.02 -4.58
CA ILE B 10 -16.56 -16.90 -3.61
C ILE B 10 -17.88 -16.30 -3.17
N PRO B 11 -17.95 -15.69 -1.96
CA PRO B 11 -19.20 -15.12 -1.46
C PRO B 11 -19.73 -13.97 -2.34
N ILE B 12 -21.03 -14.04 -2.68
CA ILE B 12 -21.84 -12.90 -3.20
C ILE B 12 -22.27 -12.06 -2.00
N LEU B 13 -21.70 -10.86 -1.88
CA LEU B 13 -21.94 -9.95 -0.74
C LEU B 13 -23.21 -9.14 -1.03
N VAL B 14 -24.17 -9.19 -0.12
CA VAL B 14 -25.52 -8.56 -0.27
C VAL B 14 -25.39 -7.03 -0.21
N ASP B 15 -24.29 -6.51 0.35
CA ASP B 15 -24.01 -5.06 0.58
C ASP B 15 -23.07 -4.51 -0.50
N ARG B 16 -22.65 -5.33 -1.46
CA ARG B 16 -21.75 -4.89 -2.57
C ARG B 16 -22.63 -4.44 -3.75
N THR B 17 -22.11 -3.50 -4.54
CA THR B 17 -22.70 -3.06 -5.82
C THR B 17 -22.38 -4.11 -6.89
N ASP B 18 -21.15 -4.63 -6.90
CA ASP B 18 -20.71 -5.67 -7.87
C ASP B 18 -20.19 -6.92 -7.14
N ASN B 19 -20.43 -8.08 -7.75
CA ASN B 19 -19.91 -9.40 -7.32
C ASN B 19 -19.61 -10.19 -8.59
N VAL B 20 -18.47 -10.89 -8.62
CA VAL B 20 -18.06 -11.69 -9.81
C VAL B 20 -18.92 -12.95 -9.84
N LEU B 21 -19.84 -13.03 -10.81
CA LEU B 21 -20.73 -14.21 -10.96
C LEU B 21 -20.06 -15.20 -11.92
N PHE B 22 -19.58 -14.70 -13.05
CA PHE B 22 -18.77 -15.44 -14.05
C PHE B 22 -17.53 -14.61 -14.42
N ARG B 23 -16.38 -15.26 -14.58
CA ARG B 23 -15.28 -14.73 -15.41
C ARG B 23 -15.28 -15.51 -16.73
N ILE B 24 -14.88 -14.86 -17.82
CA ILE B 24 -14.94 -15.44 -19.19
C ILE B 24 -13.65 -15.07 -19.89
N ARG B 25 -12.94 -16.06 -20.45
CA ARG B 25 -11.75 -15.84 -21.32
C ARG B 25 -12.09 -16.29 -22.73
N ILE B 26 -11.87 -15.42 -23.71
CA ILE B 26 -11.92 -15.76 -25.17
C ILE B 26 -10.47 -15.81 -25.62
N PRO B 27 -9.87 -17.02 -25.75
CA PRO B 27 -8.42 -17.15 -25.79
C PRO B 27 -7.79 -16.72 -27.11
N ASP B 28 -8.47 -16.96 -28.25
CA ASP B 28 -7.87 -16.84 -29.61
C ASP B 28 -8.82 -16.07 -30.53
N ALA B 29 -9.19 -14.84 -30.17
CA ALA B 29 -10.01 -13.93 -31.01
C ALA B 29 -9.19 -13.42 -32.19
N THR B 30 -9.86 -13.14 -33.31
CA THR B 30 -9.35 -12.30 -34.43
C THR B 30 -9.74 -10.84 -34.17
N LYS B 31 -8.85 -9.89 -34.45
CA LYS B 31 -9.10 -8.45 -34.23
C LYS B 31 -10.38 -8.04 -34.97
N GLY B 32 -11.41 -7.63 -34.23
CA GLY B 32 -12.71 -7.17 -34.76
C GLY B 32 -13.85 -8.09 -34.36
N ASP B 33 -13.55 -9.29 -33.85
CA ASP B 33 -14.56 -10.24 -33.34
C ASP B 33 -15.38 -9.54 -32.26
N VAL B 34 -16.70 -9.72 -32.29
CA VAL B 34 -17.66 -9.07 -31.35
C VAL B 34 -18.43 -10.17 -30.63
N LEU B 35 -18.44 -10.12 -29.29
CA LEU B 35 -19.36 -10.91 -28.44
C LEU B 35 -20.73 -10.26 -28.56
N ASN B 36 -21.51 -10.70 -29.56
CA ASN B 36 -22.85 -10.15 -29.92
C ASN B 36 -23.82 -10.35 -28.75
N ARG B 37 -23.85 -11.56 -28.21
CA ARG B 37 -24.87 -12.01 -27.23
C ARG B 37 -24.27 -13.11 -26.34
N LEU B 38 -24.56 -13.08 -25.04
CA LEU B 38 -24.31 -14.22 -24.14
C LEU B 38 -25.53 -14.40 -23.23
N THR B 39 -26.01 -15.63 -23.14
CA THR B 39 -27.26 -16.01 -22.43
C THR B 39 -26.87 -16.74 -21.14
N ILE B 40 -27.40 -16.26 -20.01
CA ILE B 40 -27.30 -16.93 -18.69
C ILE B 40 -28.66 -17.56 -18.36
N ARG B 41 -28.62 -18.75 -17.74
CA ARG B 41 -29.81 -19.43 -17.19
C ARG B 41 -29.62 -19.60 -15.68
N PHE B 42 -30.61 -19.22 -14.87
CA PHE B 42 -30.70 -19.53 -13.43
C PHE B 42 -31.61 -20.76 -13.25
N GLY B 43 -31.27 -21.61 -12.26
CA GLY B 43 -32.07 -22.77 -11.85
C GLY B 43 -33.49 -22.39 -11.45
N ASN B 44 -34.39 -23.37 -11.48
CA ASN B 44 -35.86 -23.23 -11.27
C ASN B 44 -36.16 -22.64 -9.89
N GLU B 45 -35.39 -23.02 -8.87
CA GLU B 45 -35.68 -22.81 -7.44
C GLU B 45 -35.18 -21.45 -6.98
N ASP B 46 -34.30 -20.82 -7.76
CA ASP B 46 -33.57 -19.58 -7.38
C ASP B 46 -34.57 -18.43 -7.17
N LYS B 47 -34.36 -17.62 -6.13
CA LYS B 47 -35.25 -16.49 -5.74
C LYS B 47 -34.82 -15.23 -6.51
N LEU B 48 -35.21 -15.15 -7.79
CA LEU B 48 -34.70 -14.10 -8.74
C LEU B 48 -35.17 -12.71 -8.31
N SER B 49 -36.20 -12.62 -7.45
CA SER B 49 -36.74 -11.34 -6.91
C SER B 49 -35.67 -10.64 -6.06
N GLU B 50 -34.69 -11.40 -5.54
CA GLU B 50 -33.60 -10.87 -4.68
C GLU B 50 -32.44 -10.30 -5.51
N VAL B 51 -32.36 -10.61 -6.81
CA VAL B 51 -31.31 -10.05 -7.71
C VAL B 51 -31.78 -8.66 -8.18
N LYS B 52 -31.00 -7.62 -7.86
CA LYS B 52 -31.29 -6.20 -8.21
C LYS B 52 -30.80 -5.91 -9.63
N ALA B 53 -29.67 -6.51 -10.04
CA ALA B 53 -29.07 -6.25 -11.38
C ALA B 53 -28.01 -7.31 -11.75
N VAL B 54 -27.86 -7.52 -13.05
CA VAL B 54 -26.78 -8.30 -13.70
C VAL B 54 -26.11 -7.43 -14.76
N ARG B 55 -24.77 -7.37 -14.76
CA ARG B 55 -23.96 -6.55 -15.69
C ARG B 55 -22.94 -7.44 -16.41
N LEU B 56 -22.67 -7.11 -17.66
CA LEU B 56 -21.59 -7.70 -18.49
C LEU B 56 -20.49 -6.64 -18.65
N PHE B 57 -19.29 -6.92 -18.17
CA PHE B 57 -18.11 -6.01 -18.29
C PHE B 57 -17.13 -6.55 -19.32
N TYR B 58 -16.33 -5.65 -19.88
CA TYR B 58 -15.13 -5.94 -20.69
C TYR B 58 -13.92 -5.47 -19.87
N ALA B 59 -12.90 -6.31 -19.70
CA ALA B 59 -11.67 -5.97 -18.94
C ALA B 59 -10.45 -5.98 -19.86
N GLY B 60 -10.67 -5.98 -21.18
CA GLY B 60 -9.60 -5.92 -22.18
C GLY B 60 -8.88 -7.24 -22.33
N THR B 61 -7.55 -7.21 -22.35
CA THR B 61 -6.70 -8.35 -22.77
C THR B 61 -5.75 -8.73 -21.63
N GLU B 62 -4.76 -9.56 -21.97
CA GLU B 62 -3.74 -10.09 -21.04
C GLU B 62 -2.37 -9.65 -21.55
N ALA B 63 -1.38 -9.61 -20.65
CA ALA B 63 0.04 -9.36 -20.98
C ALA B 63 0.62 -10.59 -21.70
N ALA B 64 1.47 -10.36 -22.70
CA ALA B 64 2.02 -11.40 -23.60
C ALA B 64 2.76 -12.49 -22.82
N THR B 65 3.29 -12.17 -21.63
CA THR B 65 4.15 -13.08 -20.82
C THR B 65 3.38 -13.74 -19.67
N LYS B 66 2.07 -13.54 -19.55
CA LYS B 66 1.32 -14.07 -18.37
C LYS B 66 0.50 -15.31 -18.73
N GLY B 67 0.66 -15.85 -19.94
CA GLY B 67 0.07 -17.16 -20.31
C GLY B 67 -1.42 -17.02 -20.60
N ARG B 68 -2.10 -18.16 -20.81
CA ARG B 68 -3.42 -18.18 -21.48
C ARG B 68 -4.44 -18.98 -20.65
N SER B 69 -4.16 -19.22 -19.37
CA SER B 69 -5.00 -20.05 -18.46
C SER B 69 -5.62 -19.20 -17.33
N ARG B 70 -5.42 -17.88 -17.35
CA ARG B 70 -5.98 -16.96 -16.33
C ARG B 70 -7.40 -16.55 -16.75
N PHE B 71 -8.25 -16.19 -15.79
CA PHE B 71 -9.66 -15.80 -16.04
C PHE B 71 -9.84 -14.29 -15.89
N ALA B 72 -8.76 -13.55 -15.57
CA ALA B 72 -8.77 -12.08 -15.42
C ALA B 72 -7.35 -11.53 -15.50
N PRO B 73 -7.17 -10.25 -15.91
CA PRO B 73 -5.85 -9.61 -15.87
C PRO B 73 -5.50 -8.97 -14.52
N VAL B 74 -6.48 -8.85 -13.64
CA VAL B 74 -6.43 -8.00 -12.41
C VAL B 74 -7.64 -8.35 -11.55
N THR B 75 -7.57 -8.13 -10.24
CA THR B 75 -8.74 -8.14 -9.32
C THR B 75 -9.76 -7.12 -9.83
N TYR B 76 -11.01 -7.56 -10.06
CA TYR B 76 -12.11 -6.76 -10.64
C TYR B 76 -12.76 -5.90 -9.56
N VAL B 77 -13.06 -6.50 -8.41
CA VAL B 77 -13.63 -5.83 -7.21
C VAL B 77 -12.63 -6.00 -6.06
N SER B 78 -12.00 -4.90 -5.63
CA SER B 78 -10.92 -4.88 -4.61
C SER B 78 -11.51 -5.06 -3.22
N SER B 79 -10.78 -5.75 -2.34
CA SER B 79 -11.09 -5.90 -0.90
C SER B 79 -10.11 -5.07 -0.05
N HIS B 80 -9.22 -4.28 -0.68
CA HIS B 80 -8.18 -3.49 0.01
C HIS B 80 -8.26 -1.98 -0.28
N ASN B 81 -8.77 -1.58 -1.45
CA ASN B 81 -8.81 -0.16 -1.88
C ASN B 81 -9.75 0.61 -0.94
N ILE B 82 -9.17 1.42 -0.03
CA ILE B 82 -9.93 2.16 1.02
C ILE B 82 -10.95 3.12 0.37
N ARG B 83 -10.78 3.48 -0.89
CA ARG B 83 -11.66 4.42 -1.64
C ARG B 83 -12.82 3.65 -2.31
N ASN B 84 -12.71 2.33 -2.49
CA ASN B 84 -13.80 1.54 -3.15
C ASN B 84 -13.57 0.03 -3.00
N THR B 85 -14.35 -0.60 -2.12
CA THR B 85 -14.40 -2.07 -1.94
C THR B 85 -15.77 -2.63 -2.34
N ARG B 86 -16.65 -1.81 -2.91
CA ARG B 86 -18.09 -2.18 -3.08
C ARG B 86 -18.46 -2.36 -4.56
N SER B 87 -17.78 -1.68 -5.48
CA SER B 87 -18.07 -1.76 -6.94
C SER B 87 -16.79 -2.12 -7.70
N ALA B 88 -16.94 -2.60 -8.94
CA ALA B 88 -15.82 -2.83 -9.87
C ALA B 88 -14.99 -1.56 -10.00
N ASN B 89 -13.67 -1.67 -9.93
CA ASN B 89 -12.78 -0.54 -10.26
C ASN B 89 -13.10 -0.15 -11.69
N PRO B 90 -13.66 1.05 -11.94
CA PRO B 90 -14.07 1.44 -13.29
C PRO B 90 -12.88 1.51 -14.26
N SER B 91 -11.64 1.62 -13.76
CA SER B 91 -10.43 1.68 -14.63
C SER B 91 -10.03 0.30 -15.16
N TYR B 92 -10.60 -0.80 -14.64
CA TYR B 92 -10.25 -2.19 -15.08
C TYR B 92 -11.42 -2.84 -15.84
N SER B 93 -12.64 -2.32 -15.69
CA SER B 93 -13.88 -2.93 -16.24
C SER B 93 -14.81 -1.87 -16.83
N ILE B 94 -15.19 -2.01 -18.10
CA ILE B 94 -16.18 -1.13 -18.79
C ILE B 94 -17.48 -1.92 -18.98
N ARG B 95 -18.57 -1.40 -18.41
CA ARG B 95 -19.92 -2.00 -18.52
C ARG B 95 -20.36 -2.01 -19.98
N GLN B 96 -20.77 -3.18 -20.49
CA GLN B 96 -21.25 -3.40 -21.88
C GLN B 96 -22.78 -3.36 -21.91
N ASP B 97 -23.41 -3.98 -20.91
CA ASP B 97 -24.87 -4.16 -20.82
C ASP B 97 -25.25 -4.25 -19.34
N GLU B 98 -26.53 -4.03 -19.04
CA GLU B 98 -27.09 -4.15 -17.67
C GLU B 98 -28.57 -4.50 -17.78
N VAL B 99 -29.04 -5.40 -16.89
CA VAL B 99 -30.48 -5.80 -16.75
C VAL B 99 -30.87 -5.67 -15.27
N THR B 100 -31.96 -4.95 -14.98
CA THR B 100 -32.44 -4.57 -13.61
C THR B 100 -33.65 -5.40 -13.20
N THR B 101 -34.19 -6.21 -14.12
CA THR B 101 -35.25 -7.22 -13.83
C THR B 101 -34.80 -8.55 -14.43
N VAL B 102 -34.59 -9.58 -13.59
CA VAL B 102 -33.91 -10.83 -13.99
C VAL B 102 -34.92 -11.98 -14.02
N ALA B 103 -35.07 -12.61 -15.18
CA ALA B 103 -35.85 -13.85 -15.41
C ALA B 103 -34.89 -15.04 -15.45
N ASN B 104 -35.44 -16.26 -15.49
CA ASN B 104 -34.69 -17.55 -15.51
C ASN B 104 -33.70 -17.54 -16.68
N THR B 105 -34.09 -16.97 -17.82
CA THR B 105 -33.19 -16.71 -18.98
C THR B 105 -32.93 -15.21 -19.08
N LEU B 106 -31.68 -14.87 -19.32
CA LEU B 106 -31.14 -13.49 -19.36
C LEU B 106 -30.17 -13.41 -20.54
N THR B 107 -30.29 -12.37 -21.36
CA THR B 107 -29.35 -12.12 -22.48
C THR B 107 -28.58 -10.83 -22.16
N LEU B 108 -27.27 -10.83 -22.43
CA LEU B 108 -26.42 -9.60 -22.35
C LEU B 108 -25.71 -9.42 -23.70
N LYS B 109 -25.62 -8.17 -24.16
CA LYS B 109 -25.09 -7.79 -25.49
C LYS B 109 -23.84 -6.93 -25.31
N THR B 110 -23.04 -6.86 -26.37
CA THR B 110 -21.91 -5.91 -26.54
C THR B 110 -21.79 -5.58 -28.02
N ARG B 111 -21.08 -4.49 -28.33
CA ARG B 111 -20.67 -4.15 -29.72
C ARG B 111 -19.17 -3.83 -29.71
N GLN B 112 -18.45 -4.38 -28.73
CA GLN B 112 -17.01 -4.12 -28.45
C GLN B 112 -16.15 -4.97 -29.38
N PRO B 113 -15.36 -4.37 -30.29
CA PRO B 113 -14.44 -5.12 -31.14
C PRO B 113 -13.27 -5.68 -30.32
N MET B 114 -13.11 -7.00 -30.28
CA MET B 114 -12.06 -7.70 -29.50
C MET B 114 -10.70 -7.46 -30.14
N VAL B 115 -9.63 -7.59 -29.36
CA VAL B 115 -8.23 -7.57 -29.85
C VAL B 115 -7.83 -8.98 -30.26
N LYS B 116 -6.75 -9.10 -31.03
CA LYS B 116 -6.15 -10.38 -31.46
C LYS B 116 -5.66 -11.11 -30.21
N GLY B 117 -6.11 -12.36 -30.01
CA GLY B 117 -5.72 -13.21 -28.87
C GLY B 117 -6.72 -13.09 -27.74
N ILE B 118 -6.24 -12.98 -26.50
CA ILE B 118 -7.05 -13.12 -25.26
C ILE B 118 -7.88 -11.86 -25.04
N ASN B 119 -9.18 -12.05 -24.81
CA ASN B 119 -10.13 -10.99 -24.36
C ASN B 119 -10.85 -11.51 -23.12
N TYR B 120 -11.05 -10.64 -22.14
CA TYR B 120 -11.70 -10.94 -20.84
C TYR B 120 -13.02 -10.18 -20.75
N PHE B 121 -14.09 -10.93 -20.46
CA PHE B 121 -15.40 -10.42 -20.01
C PHE B 121 -15.72 -11.06 -18.65
N TRP B 122 -16.60 -10.43 -17.89
CA TRP B 122 -17.12 -11.02 -16.64
C TRP B 122 -18.53 -10.51 -16.35
N VAL B 123 -19.34 -11.39 -15.77
CA VAL B 123 -20.73 -11.06 -15.34
C VAL B 123 -20.66 -10.68 -13.86
N SER B 124 -21.19 -9.50 -13.54
CA SER B 124 -21.43 -9.01 -12.16
C SER B 124 -22.88 -9.30 -11.78
N VAL B 125 -23.11 -9.63 -10.53
CA VAL B 125 -24.46 -9.80 -9.94
C VAL B 125 -24.53 -8.89 -8.71
N GLU B 126 -25.60 -8.11 -8.64
CA GLU B 126 -25.91 -7.22 -7.51
C GLU B 126 -27.19 -7.75 -6.88
N MET B 127 -27.14 -8.03 -5.58
CA MET B 127 -28.31 -8.52 -4.81
C MET B 127 -28.98 -7.33 -4.12
N ASP B 128 -30.26 -7.49 -3.77
CA ASP B 128 -31.00 -6.60 -2.84
C ASP B 128 -30.28 -6.64 -1.49
N ARG B 129 -30.14 -5.50 -0.82
CA ARG B 129 -29.41 -5.35 0.47
C ARG B 129 -30.04 -6.27 1.53
N ASN B 130 -31.34 -6.61 1.36
CA ASN B 130 -32.11 -7.44 2.33
C ASN B 130 -32.21 -8.90 1.84
N THR B 131 -31.45 -9.27 0.82
CA THR B 131 -31.34 -10.66 0.32
C THR B 131 -31.07 -11.61 1.51
N SER B 132 -31.80 -12.72 1.58
CA SER B 132 -31.59 -13.81 2.57
C SER B 132 -30.15 -14.34 2.49
N LEU B 133 -29.45 -14.40 3.62
CA LEU B 133 -28.07 -14.95 3.72
C LEU B 133 -28.06 -16.44 3.34
N LEU B 134 -29.23 -17.10 3.35
CA LEU B 134 -29.37 -18.55 3.10
C LEU B 134 -29.79 -18.82 1.65
N SER B 135 -30.03 -17.80 0.83
CA SER B 135 -30.36 -17.98 -0.62
C SER B 135 -29.13 -18.52 -1.35
N LYS B 136 -29.37 -19.22 -2.46
CA LYS B 136 -28.31 -19.75 -3.35
C LYS B 136 -28.70 -19.47 -4.80
N LEU B 137 -27.71 -19.16 -5.63
CA LEU B 137 -27.88 -19.02 -7.10
C LEU B 137 -27.13 -20.18 -7.77
N THR B 138 -27.79 -20.83 -8.72
CA THR B 138 -27.23 -21.84 -9.65
C THR B 138 -27.32 -21.24 -11.06
N SER B 139 -26.20 -20.70 -11.55
CA SER B 139 -26.16 -19.95 -12.83
C SER B 139 -25.23 -20.65 -13.83
N THR B 140 -25.62 -20.67 -15.10
CA THR B 140 -24.85 -21.28 -16.21
C THR B 140 -24.86 -20.33 -17.42
N VAL B 141 -23.69 -20.12 -18.04
CA VAL B 141 -23.61 -19.48 -19.38
C VAL B 141 -23.99 -20.57 -20.39
N THR B 142 -25.16 -20.43 -21.01
CA THR B 142 -25.76 -21.49 -21.88
C THR B 142 -25.43 -21.20 -23.33
N GLU B 143 -25.23 -19.93 -23.69
CA GLU B 143 -24.93 -19.51 -25.08
C GLU B 143 -23.98 -18.31 -25.06
N VAL B 144 -23.05 -18.30 -26.01
CA VAL B 144 -22.15 -17.17 -26.35
C VAL B 144 -22.10 -17.11 -27.87
N VAL B 145 -22.44 -15.97 -28.46
CA VAL B 145 -22.46 -15.78 -29.94
C VAL B 145 -21.37 -14.76 -30.29
N ILE B 146 -20.48 -15.14 -31.21
CA ILE B 146 -19.38 -14.30 -31.73
C ILE B 146 -19.54 -14.26 -33.25
N ASN B 147 -19.72 -13.06 -33.80
CA ASN B 147 -19.94 -12.80 -35.25
C ASN B 147 -21.15 -13.62 -35.71
N ASP B 148 -22.19 -13.69 -34.89
CA ASP B 148 -23.52 -14.29 -35.20
C ASP B 148 -23.38 -15.81 -35.40
N LYS B 149 -22.39 -16.44 -34.76
CA LYS B 149 -22.20 -17.92 -34.72
C LYS B 149 -22.03 -18.35 -33.27
N PRO B 150 -22.82 -19.34 -32.77
CA PRO B 150 -22.70 -19.76 -31.37
C PRO B 150 -21.40 -20.54 -31.13
N ALA B 151 -20.47 -19.98 -30.34
CA ALA B 151 -19.15 -20.56 -30.05
C ALA B 151 -19.27 -21.67 -29.00
N VAL B 152 -18.26 -22.53 -28.92
CA VAL B 152 -18.20 -23.69 -27.97
C VAL B 152 -17.84 -23.16 -26.57
N ILE B 153 -18.70 -23.46 -25.59
CA ILE B 153 -18.49 -23.09 -24.16
C ILE B 153 -17.77 -24.25 -23.49
N ALA B 154 -16.67 -23.97 -22.78
CA ALA B 154 -15.93 -24.93 -21.93
C ALA B 154 -15.76 -24.33 -20.52
N GLY B 155 -15.49 -25.17 -19.53
CA GLY B 155 -15.13 -24.77 -18.16
C GLY B 155 -16.05 -25.37 -17.12
N GLU B 156 -15.56 -25.50 -15.89
CA GLU B 156 -16.33 -25.93 -14.70
C GLU B 156 -17.09 -24.70 -14.17
N GLN B 157 -18.41 -24.68 -14.32
CA GLN B 157 -19.25 -23.49 -14.02
C GLN B 157 -20.58 -23.91 -13.38
N ALA B 158 -20.59 -25.06 -12.67
CA ALA B 158 -21.77 -25.68 -12.05
C ALA B 158 -21.84 -25.35 -10.55
N ALA B 159 -20.96 -24.49 -10.04
CA ALA B 159 -20.88 -24.07 -8.63
C ALA B 159 -22.24 -23.54 -8.17
N VAL B 160 -22.66 -23.94 -6.97
CA VAL B 160 -23.82 -23.38 -6.22
C VAL B 160 -23.30 -22.21 -5.38
N ARG B 161 -23.64 -20.99 -5.79
CA ARG B 161 -23.10 -19.74 -5.19
C ARG B 161 -23.90 -19.41 -3.94
N ARG B 162 -23.19 -19.01 -2.88
CA ARG B 162 -23.79 -18.61 -1.57
C ARG B 162 -23.69 -17.10 -1.39
N MET B 163 -24.55 -16.55 -0.52
CA MET B 163 -24.52 -15.13 -0.11
C MET B 163 -23.59 -14.98 1.10
N GLY B 164 -23.14 -13.75 1.31
CA GLY B 164 -22.47 -13.32 2.54
C GLY B 164 -22.69 -11.84 2.74
N ILE B 165 -22.11 -11.27 3.80
CA ILE B 165 -22.20 -9.82 4.08
C ILE B 165 -20.84 -9.32 4.57
N GLY B 166 -20.35 -8.26 3.92
CA GLY B 166 -19.13 -7.54 4.30
C GLY B 166 -19.35 -6.68 5.54
N VAL B 167 -19.22 -7.30 6.72
CA VAL B 167 -19.42 -6.61 8.04
C VAL B 167 -18.42 -5.44 8.15
N ARG B 168 -17.16 -5.64 7.74
CA ARG B 168 -16.11 -4.58 7.74
C ARG B 168 -15.34 -4.61 6.41
N HIS B 169 -15.30 -3.48 5.72
CA HIS B 169 -14.48 -3.29 4.49
C HIS B 169 -13.30 -2.40 4.81
N ALA B 170 -12.15 -2.66 4.17
CA ALA B 170 -10.97 -1.77 4.18
C ALA B 170 -11.46 -0.33 3.97
N GLY B 171 -11.01 0.59 4.83
CA GLY B 171 -11.36 2.03 4.74
C GLY B 171 -12.62 2.40 5.52
N ASP B 172 -13.37 1.42 6.03
CA ASP B 172 -14.59 1.71 6.84
C ASP B 172 -14.19 2.53 8.07
N ASP B 173 -14.93 3.61 8.35
CA ASP B 173 -14.79 4.46 9.56
C ASP B 173 -13.35 4.93 9.73
N GLY B 174 -12.70 5.31 8.61
CA GLY B 174 -11.33 5.83 8.57
C GLY B 174 -10.26 4.80 8.93
N SER B 175 -10.59 3.52 8.96
CA SER B 175 -9.62 2.43 9.30
C SER B 175 -9.04 1.84 8.02
N ALA B 176 -7.71 1.73 7.94
CA ALA B 176 -6.98 1.16 6.79
C ALA B 176 -7.43 -0.28 6.55
N SER B 177 -7.43 -1.10 7.60
CA SER B 177 -7.73 -2.55 7.50
C SER B 177 -8.41 -3.03 8.78
N PHE B 178 -8.96 -4.24 8.70
CA PHE B 178 -9.51 -5.03 9.82
C PHE B 178 -8.92 -6.43 9.71
N ARG B 179 -8.47 -7.01 10.82
CA ARG B 179 -7.89 -8.39 10.87
C ARG B 179 -8.31 -9.10 12.16
N ILE B 180 -8.20 -10.43 12.16
CA ILE B 180 -8.20 -11.32 13.36
C ILE B 180 -9.62 -11.43 13.90
N PRO B 181 -10.50 -12.19 13.22
CA PRO B 181 -11.90 -12.32 13.60
C PRO B 181 -12.14 -13.24 14.80
N GLY B 182 -13.07 -12.84 15.67
CA GLY B 182 -13.66 -13.67 16.72
C GLY B 182 -15.17 -13.57 16.68
N LEU B 183 -15.89 -14.66 16.99
CA LEU B 183 -17.37 -14.71 16.90
C LEU B 183 -17.93 -15.61 18.00
N VAL B 184 -18.93 -15.10 18.73
CA VAL B 184 -19.73 -15.88 19.71
C VAL B 184 -21.22 -15.58 19.48
N THR B 185 -22.07 -16.46 19.98
CA THR B 185 -23.55 -16.28 19.99
C THR B 185 -23.96 -16.17 21.46
N THR B 186 -24.49 -15.02 21.87
CA THR B 186 -24.96 -14.77 23.26
C THR B 186 -26.20 -15.62 23.53
N ASN B 187 -26.59 -15.74 24.80
CA ASN B 187 -27.78 -16.52 25.25
C ASN B 187 -29.06 -15.93 24.66
N LYS B 188 -29.02 -14.69 24.18
CA LYS B 188 -30.18 -14.00 23.54
C LYS B 188 -30.14 -14.21 22.01
N GLY B 189 -29.24 -15.07 21.51
CA GLY B 189 -29.08 -15.37 20.08
C GLY B 189 -28.39 -14.23 19.32
N THR B 190 -27.78 -13.28 20.03
CA THR B 190 -27.03 -12.15 19.42
C THR B 190 -25.65 -12.63 18.97
N LEU B 191 -25.29 -12.32 17.73
CA LEU B 191 -23.94 -12.57 17.16
C LEU B 191 -23.04 -11.40 17.55
N LEU B 192 -21.90 -11.67 18.18
CA LEU B 192 -20.88 -10.65 18.50
C LEU B 192 -19.58 -11.01 17.80
N GLY B 193 -19.14 -10.15 16.87
CA GLY B 193 -17.89 -10.34 16.09
C GLY B 193 -16.84 -9.33 16.50
N VAL B 194 -15.65 -9.78 16.90
CA VAL B 194 -14.53 -8.87 17.29
C VAL B 194 -13.42 -8.93 16.23
N TYR B 195 -12.58 -7.90 16.19
CA TYR B 195 -11.46 -7.79 15.23
C TYR B 195 -10.51 -6.68 15.67
N ASP B 196 -9.27 -6.73 15.15
CA ASP B 196 -8.35 -5.56 15.10
C ASP B 196 -8.99 -4.49 14.22
N VAL B 197 -9.01 -3.25 14.72
CA VAL B 197 -9.17 -2.04 13.88
C VAL B 197 -7.75 -1.50 13.67
N ARG B 198 -7.18 -1.73 12.49
CA ARG B 198 -5.80 -1.32 12.14
C ARG B 198 -5.89 -0.03 11.33
N TYR B 199 -5.69 1.12 11.98
CA TYR B 199 -6.00 2.46 11.42
C TYR B 199 -4.98 2.86 10.34
N ASN B 200 -3.69 2.64 10.56
CA ASN B 200 -2.60 3.22 9.72
C ASN B 200 -2.31 2.36 8.49
N ASN B 201 -2.49 1.04 8.58
CA ASN B 201 -2.02 0.07 7.56
C ASN B 201 -2.54 -1.32 7.99
N SER B 202 -1.92 -2.40 7.52
CA SER B 202 -2.37 -3.78 7.87
C SER B 202 -1.26 -4.54 8.62
N VAL B 203 -0.22 -3.86 9.14
CA VAL B 203 0.90 -4.57 9.84
C VAL B 203 0.44 -4.90 11.27
N ASP B 204 0.99 -5.98 11.81
CA ASP B 204 0.71 -6.50 13.17
C ASP B 204 1.19 -5.50 14.22
N LEU B 205 0.79 -5.67 15.47
CA LEU B 205 1.39 -4.97 16.64
C LEU B 205 2.91 -5.04 16.52
N GLN B 206 3.65 -3.97 16.85
CA GLN B 206 3.13 -2.75 17.45
C GLN B 206 2.63 -1.79 16.36
N GLU B 207 1.43 -1.21 16.54
CA GLU B 207 0.87 -0.11 15.69
C GLU B 207 -0.37 0.48 16.37
N HIS B 208 -1.00 1.44 15.70
CA HIS B 208 -2.27 2.04 16.14
C HIS B 208 -3.39 1.04 15.85
N ILE B 209 -3.66 0.16 16.80
CA ILE B 209 -4.71 -0.90 16.69
C ILE B 209 -5.61 -0.83 17.92
N ASP B 210 -6.92 -0.81 17.68
CA ASP B 210 -7.96 -1.00 18.73
C ASP B 210 -8.67 -2.34 18.46
N VAL B 211 -9.37 -2.88 19.47
CA VAL B 211 -10.30 -4.03 19.30
C VAL B 211 -11.70 -3.48 19.01
N GLY B 212 -12.26 -3.82 17.85
CA GLY B 212 -13.62 -3.41 17.43
C GLY B 212 -14.64 -4.51 17.70
N LEU B 213 -15.93 -4.18 17.62
CA LEU B 213 -17.03 -5.17 17.77
C LEU B 213 -18.23 -4.77 16.89
N SER B 214 -18.79 -5.76 16.20
CA SER B 214 -20.01 -5.68 15.36
C SER B 214 -21.05 -6.61 15.97
N ARG B 215 -22.28 -6.14 16.14
CA ARG B 215 -23.39 -6.82 16.87
C ARG B 215 -24.58 -7.01 15.91
N SER B 216 -25.19 -8.20 15.89
CA SER B 216 -26.36 -8.52 15.03
C SER B 216 -27.42 -9.29 15.82
N THR B 217 -28.62 -8.72 15.90
CA THR B 217 -29.81 -9.28 16.60
C THR B 217 -30.73 -10.01 15.61
N ASP B 218 -30.33 -10.12 14.33
CA ASP B 218 -31.19 -10.71 13.25
C ASP B 218 -30.39 -11.77 12.47
N LYS B 219 -29.51 -12.52 13.14
CA LYS B 219 -28.78 -13.69 12.59
C LYS B 219 -27.88 -13.26 11.43
N GLY B 220 -27.41 -12.00 11.42
CA GLY B 220 -26.34 -11.50 10.53
C GLY B 220 -26.86 -10.74 9.31
N GLN B 221 -28.18 -10.56 9.14
CA GLN B 221 -28.77 -9.79 8.00
C GLN B 221 -28.36 -8.31 8.13
N THR B 222 -28.28 -7.81 9.37
CA THR B 222 -27.90 -6.41 9.69
C THR B 222 -26.93 -6.42 10.87
N TRP B 223 -25.99 -5.49 10.85
CA TRP B 223 -24.90 -5.34 11.86
C TRP B 223 -24.93 -3.90 12.36
N GLU B 224 -25.01 -3.73 13.68
CA GLU B 224 -25.02 -2.40 14.33
C GLU B 224 -23.66 -1.76 14.12
N PRO B 225 -23.59 -0.41 14.06
CA PRO B 225 -22.32 0.27 13.82
C PRO B 225 -21.23 -0.16 14.80
N MET B 226 -19.98 -0.01 14.36
CA MET B 226 -18.79 -0.52 15.08
C MET B 226 -18.70 0.14 16.46
N ARG B 227 -18.53 -0.67 17.50
CA ARG B 227 -18.16 -0.25 18.86
C ARG B 227 -16.68 -0.58 19.08
N ILE B 228 -15.98 0.28 19.82
CA ILE B 228 -14.59 0.01 20.29
C ILE B 228 -14.71 -0.77 21.61
N ALA B 229 -14.44 -2.07 21.59
CA ALA B 229 -14.50 -2.96 22.78
C ALA B 229 -13.30 -2.69 23.69
N MET B 230 -12.14 -2.29 23.13
CA MET B 230 -10.93 -2.00 23.93
C MET B 230 -9.94 -1.14 23.14
N SER B 231 -9.33 -0.17 23.83
CA SER B 231 -8.48 0.90 23.29
C SER B 231 -7.58 1.43 24.40
N PHE B 232 -6.40 1.96 24.06
CA PHE B 232 -5.43 2.51 25.05
C PHE B 232 -4.92 3.89 24.63
N GLY B 233 -5.38 4.41 23.49
CA GLY B 233 -5.09 5.79 23.04
C GLY B 233 -3.68 6.21 23.40
N GLU B 234 -3.51 7.37 24.05
CA GLU B 234 -2.18 7.95 24.39
C GLU B 234 -1.87 7.68 25.87
N THR B 235 -2.02 6.44 26.34
CA THR B 235 -1.70 5.99 27.72
C THR B 235 -0.25 6.36 28.06
N ASP B 236 -0.02 6.88 29.28
CA ASP B 236 1.29 7.31 29.85
C ASP B 236 1.95 8.38 28.98
N GLY B 237 1.20 9.00 28.06
CA GLY B 237 1.68 10.06 27.16
C GLY B 237 2.54 9.49 26.03
N LEU B 238 2.44 8.18 25.76
CA LEU B 238 3.07 7.54 24.58
C LEU B 238 2.08 7.57 23.42
N PRO B 239 2.57 7.68 22.16
CA PRO B 239 1.69 7.76 21.00
C PRO B 239 0.75 6.55 20.90
N SER B 240 -0.42 6.73 20.28
CA SER B 240 -1.45 5.68 20.11
C SER B 240 -0.88 4.54 19.26
N GLY B 241 0.10 4.86 18.41
CA GLY B 241 0.86 3.92 17.56
C GLY B 241 1.88 3.10 18.34
N GLN B 242 2.18 3.49 19.59
CA GLN B 242 2.96 2.66 20.55
C GLN B 242 2.03 2.26 21.71
N ASN B 243 0.75 2.02 21.41
CA ASN B 243 -0.26 1.65 22.43
C ASN B 243 -1.34 0.75 21.82
N GLY B 244 -1.03 0.03 20.74
CA GLY B 244 -1.99 -0.87 20.08
C GLY B 244 -2.41 -2.01 21.00
N VAL B 245 -3.66 -2.47 20.86
CA VAL B 245 -4.17 -3.73 21.47
C VAL B 245 -4.88 -4.53 20.37
N GLY B 246 -4.66 -5.85 20.30
CA GLY B 246 -5.27 -6.68 19.25
C GLY B 246 -5.08 -8.18 19.44
N ASP B 247 -5.34 -8.93 18.37
CA ASP B 247 -5.47 -10.42 18.33
C ASP B 247 -6.56 -10.85 19.31
N PRO B 248 -7.77 -10.24 19.22
CA PRO B 248 -8.81 -10.46 20.23
C PRO B 248 -9.35 -11.89 20.25
N SER B 249 -9.68 -12.38 21.44
CA SER B 249 -10.45 -13.62 21.67
C SER B 249 -11.68 -13.27 22.51
N ILE B 250 -12.84 -13.81 22.12
CA ILE B 250 -14.16 -13.52 22.74
C ILE B 250 -14.78 -14.85 23.20
N LEU B 251 -15.42 -14.87 24.38
CA LEU B 251 -16.29 -15.98 24.81
C LEU B 251 -17.54 -15.40 25.47
N VAL B 252 -18.65 -16.15 25.40
CA VAL B 252 -19.87 -15.87 26.19
C VAL B 252 -19.86 -16.83 27.38
N ASP B 253 -19.84 -16.30 28.60
CA ASP B 253 -20.14 -17.06 29.83
C ASP B 253 -21.61 -17.51 29.74
N GLU B 254 -21.85 -18.78 29.41
CA GLU B 254 -23.20 -19.32 29.12
C GLU B 254 -24.07 -19.34 30.39
N ARG B 255 -23.47 -19.31 31.58
CA ARG B 255 -24.20 -19.30 32.89
C ARG B 255 -24.82 -17.92 33.15
N THR B 256 -24.13 -16.82 32.81
CA THR B 256 -24.53 -15.44 33.17
C THR B 256 -24.86 -14.59 31.92
N ASN B 257 -24.46 -15.04 30.73
CA ASN B 257 -24.47 -14.27 29.45
C ASN B 257 -23.50 -13.08 29.54
N THR B 258 -22.66 -13.01 30.57
CA THR B 258 -21.54 -12.04 30.62
C THR B 258 -20.61 -12.40 29.45
N VAL B 259 -20.27 -11.43 28.61
CA VAL B 259 -19.33 -11.64 27.46
C VAL B 259 -17.95 -11.11 27.87
N TRP B 260 -16.89 -11.86 27.58
CA TRP B 260 -15.48 -11.49 27.85
C TRP B 260 -14.70 -11.39 26.55
N VAL B 261 -13.88 -10.35 26.44
CA VAL B 261 -12.91 -10.17 25.32
C VAL B 261 -11.52 -10.00 25.93
N VAL B 262 -10.58 -10.84 25.52
CA VAL B 262 -9.14 -10.79 25.95
C VAL B 262 -8.27 -10.44 24.72
N ALA B 263 -7.20 -9.69 24.95
CA ALA B 263 -6.37 -9.10 23.88
C ALA B 263 -4.98 -8.75 24.44
N ALA B 264 -4.02 -8.54 23.55
CA ALA B 264 -2.62 -8.20 23.87
C ALA B 264 -2.44 -6.70 23.65
N TRP B 265 -2.11 -5.98 24.72
CA TRP B 265 -1.75 -4.54 24.69
C TRP B 265 -0.22 -4.42 24.68
N THR B 266 0.34 -3.96 23.57
CA THR B 266 1.79 -3.66 23.45
C THR B 266 1.94 -2.15 23.69
N HIS B 267 2.85 -1.79 24.60
CA HIS B 267 3.13 -0.41 25.07
C HIS B 267 4.60 -0.07 24.79
N GLY B 268 4.85 0.93 23.93
CA GLY B 268 6.20 1.32 23.45
C GLY B 268 6.58 0.55 22.20
N MET B 269 7.83 0.06 22.14
CA MET B 269 8.32 -0.94 21.15
C MET B 269 8.52 -0.33 19.75
N GLY B 270 8.74 0.98 19.66
CA GLY B 270 8.91 1.69 18.38
C GLY B 270 7.78 1.36 17.41
N ASN B 271 8.12 1.11 16.14
CA ASN B 271 7.17 0.73 15.07
C ASN B 271 7.56 -0.65 14.52
N ALA B 272 7.83 -1.60 15.42
CA ALA B 272 8.37 -2.95 15.09
C ALA B 272 7.43 -4.02 15.64
N ARG B 273 7.60 -5.24 15.15
CA ARG B 273 6.70 -6.39 15.41
C ARG B 273 6.88 -6.85 16.86
N ALA B 274 5.78 -7.00 17.60
CA ALA B 274 5.75 -7.48 18.99
C ALA B 274 6.24 -8.93 19.06
N TRP B 275 5.87 -9.74 18.05
CA TRP B 275 6.27 -11.16 17.94
C TRP B 275 7.78 -11.31 18.22
N THR B 276 8.61 -10.39 17.73
CA THR B 276 10.09 -10.45 17.89
C THR B 276 10.60 -9.44 18.93
N ASN B 277 9.79 -8.49 19.39
CA ASN B 277 10.32 -7.36 20.20
C ASN B 277 9.77 -7.35 21.63
N SER B 278 8.67 -8.04 21.92
CA SER B 278 8.19 -8.23 23.31
C SER B 278 9.27 -9.00 24.07
N MET B 279 9.71 -8.49 25.23
CA MET B 279 10.87 -9.06 25.97
C MET B 279 10.41 -9.60 27.32
N PRO B 280 11.25 -10.41 28.02
CA PRO B 280 10.93 -10.90 29.36
C PRO B 280 10.60 -9.78 30.36
N GLY B 281 9.96 -10.12 31.49
CA GLY B 281 9.50 -9.17 32.51
C GLY B 281 7.97 -9.20 32.67
N MET B 282 7.39 -8.18 33.33
CA MET B 282 5.95 -8.16 33.73
C MET B 282 5.28 -6.80 33.51
N THR B 283 6.03 -5.70 33.55
CA THR B 283 5.48 -4.33 33.45
C THR B 283 5.11 -4.03 31.99
N PRO B 284 4.20 -3.06 31.74
CA PRO B 284 3.85 -2.67 30.38
C PRO B 284 5.03 -2.13 29.54
N ASP B 285 6.02 -1.50 30.19
CA ASP B 285 7.24 -0.97 29.52
C ASP B 285 8.12 -2.14 29.07
N GLU B 286 7.99 -3.30 29.72
CA GLU B 286 8.88 -4.48 29.55
C GLU B 286 8.31 -5.46 28.52
N THR B 287 7.01 -5.72 28.54
CA THR B 287 6.38 -6.86 27.80
C THR B 287 4.91 -6.59 27.48
N ALA B 288 4.41 -7.30 26.46
CA ALA B 288 2.98 -7.32 26.07
C ALA B 288 2.15 -7.71 27.29
N GLN B 289 0.97 -7.09 27.42
CA GLN B 289 0.08 -7.25 28.59
C GLN B 289 -1.18 -7.99 28.14
N LEU B 290 -1.70 -8.86 28.99
CA LEU B 290 -2.95 -9.63 28.77
C LEU B 290 -4.10 -8.83 29.40
N MET B 291 -4.97 -8.26 28.58
CA MET B 291 -6.01 -7.27 28.97
C MET B 291 -7.40 -7.87 28.72
N MET B 292 -8.37 -7.59 29.59
CA MET B 292 -9.75 -8.08 29.40
C MET B 292 -10.77 -6.97 29.66
N VAL B 293 -11.83 -6.98 28.86
CA VAL B 293 -13.08 -6.19 29.05
C VAL B 293 -14.24 -7.19 29.15
N LYS B 294 -15.39 -6.73 29.64
CA LYS B 294 -16.61 -7.56 29.75
C LYS B 294 -17.83 -6.71 29.38
N SER B 295 -18.91 -7.37 28.96
CA SER B 295 -20.24 -6.77 28.68
C SER B 295 -21.30 -7.54 29.46
N THR B 296 -22.10 -6.83 30.25
CA THR B 296 -23.20 -7.39 31.05
C THR B 296 -24.53 -7.13 30.33
N ASP B 297 -24.50 -6.37 29.22
CA ASP B 297 -25.71 -5.93 28.47
C ASP B 297 -25.69 -6.49 27.04
N ASP B 298 -25.29 -7.76 26.87
CA ASP B 298 -25.42 -8.51 25.59
C ASP B 298 -24.56 -7.84 24.50
N GLY B 299 -23.45 -7.23 24.90
CA GLY B 299 -22.42 -6.69 23.98
C GLY B 299 -22.70 -5.26 23.54
N ARG B 300 -23.64 -4.56 24.17
CA ARG B 300 -23.99 -3.15 23.81
C ARG B 300 -22.88 -2.21 24.30
N THR B 301 -22.43 -2.38 25.55
CA THR B 301 -21.41 -1.52 26.19
C THR B 301 -20.36 -2.39 26.85
N TRP B 302 -19.16 -1.84 27.07
CA TRP B 302 -17.95 -2.59 27.47
C TRP B 302 -17.27 -1.93 28.66
N SER B 303 -16.90 -2.76 29.65
CA SER B 303 -16.16 -2.34 30.87
C SER B 303 -14.80 -1.75 30.47
N GLU B 304 -14.18 -1.02 31.40
CA GLU B 304 -12.76 -0.61 31.29
C GLU B 304 -11.90 -1.86 31.38
N SER B 305 -10.66 -1.78 30.88
CA SER B 305 -9.71 -2.91 30.80
C SER B 305 -9.18 -3.23 32.21
N THR B 306 -9.13 -4.52 32.54
CA THR B 306 -8.40 -5.06 33.72
C THR B 306 -7.14 -5.76 33.17
N ASN B 307 -6.04 -5.67 33.92
CA ASN B 307 -4.71 -6.26 33.58
C ASN B 307 -4.54 -7.59 34.32
N ILE B 308 -4.58 -8.72 33.61
CA ILE B 308 -4.51 -10.08 34.24
C ILE B 308 -3.10 -10.65 34.07
N THR B 309 -2.16 -9.87 33.52
CA THR B 309 -0.76 -10.30 33.25
C THR B 309 -0.15 -10.94 34.50
N SER B 310 -0.26 -10.29 35.66
CA SER B 310 0.35 -10.74 36.94
C SER B 310 -0.16 -12.13 37.36
N GLN B 311 -1.41 -12.48 37.02
CA GLN B 311 -2.04 -13.76 37.44
C GLN B 311 -1.41 -14.98 36.72
N VAL B 312 -1.09 -14.86 35.43
CA VAL B 312 -0.89 -16.05 34.54
C VAL B 312 0.49 -16.04 33.85
N LYS B 313 1.10 -14.88 33.60
CA LYS B 313 2.36 -14.79 32.82
C LYS B 313 3.56 -15.12 33.71
N ASP B 314 4.36 -16.08 33.29
CA ASP B 314 5.73 -16.32 33.82
C ASP B 314 6.61 -15.13 33.44
N PRO B 315 7.40 -14.57 34.40
CA PRO B 315 8.30 -13.45 34.09
C PRO B 315 9.34 -13.73 32.98
N SER B 316 9.75 -14.98 32.80
CA SER B 316 10.84 -15.38 31.87
C SER B 316 10.34 -15.44 30.41
N TRP B 317 9.03 -15.49 30.21
CA TRP B 317 8.40 -15.53 28.86
C TRP B 317 8.59 -14.17 28.16
N CYS B 318 8.91 -14.20 26.87
CA CYS B 318 9.10 -12.98 26.04
C CYS B 318 7.73 -12.36 25.71
N PHE B 319 6.68 -13.18 25.68
CA PHE B 319 5.35 -12.81 25.14
C PHE B 319 4.32 -13.86 25.56
N LEU B 320 3.30 -13.44 26.31
CA LEU B 320 2.06 -14.22 26.56
C LEU B 320 0.90 -13.48 25.88
N LEU B 321 0.10 -14.20 25.11
CA LEU B 321 -1.19 -13.66 24.59
C LEU B 321 -2.20 -14.79 24.39
N GLN B 322 -3.47 -14.39 24.33
CA GLN B 322 -4.61 -15.25 23.94
C GLN B 322 -4.32 -15.81 22.54
N GLY B 323 -4.90 -16.98 22.25
CA GLY B 323 -5.13 -17.44 20.88
C GLY B 323 -6.29 -16.67 20.29
N PRO B 324 -6.13 -16.04 19.11
CA PRO B 324 -7.19 -15.22 18.54
C PRO B 324 -8.39 -16.09 18.11
N GLY B 325 -9.57 -15.50 18.10
CA GLY B 325 -10.85 -16.15 17.74
C GLY B 325 -11.80 -16.10 18.92
N ARG B 326 -12.04 -17.24 19.55
CA ARG B 326 -13.01 -17.36 20.67
C ARG B 326 -12.48 -18.31 21.75
N GLY B 327 -13.10 -18.22 22.93
CA GLY B 327 -13.01 -19.20 24.03
C GLY B 327 -14.35 -19.88 24.19
N ILE B 328 -14.54 -20.66 25.26
CA ILE B 328 -15.77 -21.44 25.51
C ILE B 328 -16.17 -21.35 26.98
N THR B 329 -17.42 -21.69 27.26
CA THR B 329 -17.91 -22.18 28.58
C THR B 329 -18.01 -23.69 28.50
N MET B 330 -17.47 -24.39 29.49
CA MET B 330 -17.60 -25.87 29.61
C MET B 330 -18.92 -26.21 30.30
N ARG B 331 -19.30 -27.50 30.27
CA ARG B 331 -20.56 -28.02 30.88
C ARG B 331 -20.63 -27.66 32.37
N ASP B 332 -19.49 -27.68 33.08
CA ASP B 332 -19.40 -27.39 34.54
C ASP B 332 -19.31 -25.87 34.79
N GLY B 333 -19.27 -25.06 33.73
CA GLY B 333 -19.27 -23.59 33.84
C GLY B 333 -17.87 -22.98 33.88
N THR B 334 -16.80 -23.78 33.73
CA THR B 334 -15.44 -23.23 33.57
C THR B 334 -15.39 -22.43 32.26
N LEU B 335 -14.90 -21.17 32.33
CA LEU B 335 -14.59 -20.33 31.14
C LEU B 335 -13.18 -20.67 30.67
N VAL B 336 -12.99 -20.96 29.38
CA VAL B 336 -11.66 -21.36 28.83
C VAL B 336 -11.29 -20.47 27.64
N PHE B 337 -10.10 -19.88 27.69
CA PHE B 337 -9.47 -19.09 26.59
C PHE B 337 -8.17 -19.79 26.18
N PRO B 338 -8.03 -20.20 24.90
CA PRO B 338 -6.74 -20.71 24.41
C PRO B 338 -5.71 -19.59 24.54
N ILE B 339 -4.47 -19.96 24.88
CA ILE B 339 -3.32 -19.00 25.01
C ILE B 339 -2.13 -19.56 24.22
N GLN B 340 -1.08 -18.74 24.12
CA GLN B 340 0.22 -19.05 23.49
C GLN B 340 1.28 -18.21 24.18
N PHE B 341 2.45 -18.77 24.44
CA PHE B 341 3.57 -18.00 25.06
C PHE B 341 4.88 -18.38 24.36
N ILE B 342 5.70 -17.35 24.14
CA ILE B 342 7.10 -17.48 23.63
C ILE B 342 8.01 -17.51 24.87
N ASP B 343 8.72 -18.61 25.07
CA ASP B 343 9.54 -18.83 26.29
C ASP B 343 10.88 -18.09 26.15
N SER B 344 11.72 -18.16 27.19
CA SER B 344 13.03 -17.47 27.31
C SER B 344 13.92 -17.74 26.09
N LEU B 345 13.76 -18.88 25.42
CA LEU B 345 14.59 -19.29 24.24
C LEU B 345 13.85 -19.03 22.92
N ARG B 346 12.79 -18.20 22.92
CA ARG B 346 12.02 -17.76 21.72
C ARG B 346 11.30 -18.96 21.06
N VAL B 347 10.90 -19.95 21.85
CA VAL B 347 10.17 -21.16 21.36
C VAL B 347 8.70 -20.98 21.72
N PRO B 348 7.78 -20.92 20.73
CA PRO B 348 6.36 -20.75 21.02
C PRO B 348 5.66 -22.06 21.44
N HIS B 349 4.73 -21.95 22.40
CA HIS B 349 3.91 -23.07 22.92
C HIS B 349 2.44 -22.65 22.96
N ALA B 350 1.54 -23.55 22.54
CA ALA B 350 0.07 -23.39 22.69
C ALA B 350 -0.39 -24.03 24.00
N GLY B 351 -1.30 -23.37 24.73
CA GLY B 351 -1.93 -23.92 25.94
C GLY B 351 -3.34 -23.39 26.13
N ILE B 352 -3.91 -23.55 27.34
CA ILE B 352 -5.23 -22.96 27.70
C ILE B 352 -5.10 -22.20 29.02
N MET B 353 -5.96 -21.17 29.14
CA MET B 353 -6.18 -20.34 30.34
C MET B 353 -7.66 -20.53 30.72
N TYR B 354 -7.95 -20.75 32.00
CA TYR B 354 -9.33 -21.02 32.48
C TYR B 354 -9.62 -20.20 33.74
N SER B 355 -10.92 -20.02 34.00
CA SER B 355 -11.44 -19.41 35.24
C SER B 355 -12.60 -20.27 35.76
N LYS B 356 -12.67 -20.47 37.07
CA LYS B 356 -13.70 -21.29 37.75
C LYS B 356 -14.61 -20.38 38.58
N ASP B 357 -14.46 -19.06 38.44
CA ASP B 357 -15.05 -18.04 39.34
C ASP B 357 -15.71 -16.93 38.52
N ARG B 358 -16.34 -17.28 37.39
CA ARG B 358 -17.10 -16.36 36.49
C ARG B 358 -16.15 -15.30 35.88
N GLY B 359 -14.84 -15.61 35.79
CA GLY B 359 -13.84 -14.75 35.13
C GLY B 359 -13.13 -13.81 36.10
N GLU B 360 -13.13 -14.13 37.40
CA GLU B 360 -12.54 -13.27 38.47
C GLU B 360 -11.02 -13.48 38.52
N THR B 361 -10.57 -14.73 38.50
CA THR B 361 -9.13 -15.11 38.50
C THR B 361 -8.89 -16.15 37.41
N TRP B 362 -7.75 -16.03 36.73
CA TRP B 362 -7.37 -16.87 35.56
C TRP B 362 -6.09 -17.64 35.86
N HIS B 363 -5.97 -18.85 35.36
CA HIS B 363 -4.86 -19.80 35.67
C HIS B 363 -4.39 -20.47 34.37
N ILE B 364 -3.08 -20.64 34.24
CA ILE B 364 -2.43 -21.40 33.13
C ILE B 364 -1.47 -22.39 33.76
N HIS B 365 -1.50 -23.64 33.31
CA HIS B 365 -0.63 -24.74 33.80
C HIS B 365 0.48 -24.99 32.78
N GLN B 366 0.43 -26.10 32.02
CA GLN B 366 1.53 -26.61 31.16
C GLN B 366 1.22 -26.38 29.69
N PRO B 367 2.25 -26.22 28.83
CA PRO B 367 2.05 -26.16 27.39
C PRO B 367 1.66 -27.52 26.84
N ALA B 368 0.91 -27.57 25.73
CA ALA B 368 0.42 -28.80 25.08
C ALA B 368 1.49 -29.43 24.17
N ARG B 369 2.24 -28.61 23.43
CA ARG B 369 3.17 -29.09 22.37
C ARG B 369 4.09 -27.94 21.96
N THR B 370 5.36 -28.25 21.66
CA THR B 370 6.39 -27.24 21.32
C THR B 370 6.17 -26.74 19.88
N ASN B 371 6.61 -25.52 19.58
CA ASN B 371 6.61 -24.94 18.22
C ASN B 371 5.18 -24.90 17.68
N THR B 372 4.22 -24.61 18.55
CA THR B 372 2.82 -24.27 18.17
C THR B 372 2.53 -22.85 18.68
N THR B 373 1.51 -22.20 18.12
CA THR B 373 1.13 -20.80 18.47
C THR B 373 -0.38 -20.74 18.66
N GLU B 374 -1.09 -20.31 17.62
CA GLU B 374 -2.53 -19.99 17.64
C GLU B 374 -3.30 -21.31 17.77
N ALA B 375 -4.17 -21.41 18.77
CA ALA B 375 -5.01 -22.59 19.01
C ALA B 375 -6.45 -22.15 19.34
N GLN B 376 -7.38 -23.06 19.12
CA GLN B 376 -8.80 -22.97 19.55
C GLN B 376 -9.16 -24.26 20.26
N VAL B 377 -9.98 -24.16 21.30
CA VAL B 377 -10.30 -25.31 22.19
C VAL B 377 -11.81 -25.58 22.12
N ALA B 378 -12.20 -26.85 22.18
CA ALA B 378 -13.60 -27.29 22.29
C ALA B 378 -13.69 -28.39 23.33
N GLU B 379 -14.85 -28.50 23.99
CA GLU B 379 -15.16 -29.59 24.95
C GLU B 379 -15.77 -30.74 24.15
N VAL B 380 -14.92 -31.60 23.58
CA VAL B 380 -15.31 -32.70 22.65
C VAL B 380 -16.24 -33.69 23.38
N GLU B 381 -15.97 -33.98 24.65
CA GLU B 381 -16.84 -34.82 25.54
C GLU B 381 -16.83 -34.17 26.92
N PRO B 382 -17.75 -34.55 27.83
CA PRO B 382 -17.78 -33.96 29.18
C PRO B 382 -16.42 -34.02 29.88
N GLY B 383 -15.89 -32.86 30.32
CA GLY B 383 -14.66 -32.74 31.14
C GLY B 383 -13.39 -32.87 30.32
N VAL B 384 -13.49 -33.10 29.01
CA VAL B 384 -12.32 -33.39 28.12
C VAL B 384 -12.21 -32.30 27.02
N LEU B 385 -11.09 -31.57 27.05
CA LEU B 385 -10.82 -30.42 26.14
C LEU B 385 -9.89 -30.88 25.01
N MET B 386 -10.26 -30.53 23.77
CA MET B 386 -9.45 -30.75 22.55
C MET B 386 -8.85 -29.41 22.13
N LEU B 387 -7.52 -29.31 22.17
CA LEU B 387 -6.76 -28.11 21.69
C LEU B 387 -6.26 -28.38 20.27
N ASN B 388 -6.73 -27.58 19.31
CA ASN B 388 -6.41 -27.66 17.87
C ASN B 388 -5.44 -26.51 17.55
N MET B 389 -4.23 -26.83 17.08
CA MET B 389 -3.05 -25.92 17.15
C MET B 389 -2.45 -25.66 15.75
N ARG B 390 -2.08 -24.39 15.51
CA ARG B 390 -1.17 -23.93 14.43
C ARG B 390 0.23 -24.47 14.71
N ASP B 391 0.84 -25.19 13.76
CA ASP B 391 2.12 -25.90 13.95
C ASP B 391 3.17 -25.33 12.99
N ASN B 392 4.29 -24.83 13.53
CA ASN B 392 5.37 -24.17 12.74
C ASN B 392 6.09 -25.19 11.87
N ARG B 393 5.86 -26.49 12.08
CA ARG B 393 6.44 -27.59 11.24
C ARG B 393 5.80 -27.58 9.84
N GLY B 394 4.56 -27.13 9.72
CA GLY B 394 3.84 -26.96 8.44
C GLY B 394 3.01 -28.17 8.06
N GLY B 395 2.06 -27.99 7.14
CA GLY B 395 1.34 -29.10 6.52
C GLY B 395 0.03 -29.48 7.20
N SER B 396 -0.07 -29.40 8.53
CA SER B 396 -1.20 -30.03 9.26
C SER B 396 -1.33 -29.50 10.69
N ARG B 397 -2.58 -29.44 11.16
CA ARG B 397 -2.93 -29.02 12.55
C ARG B 397 -2.40 -30.06 13.54
N ALA B 398 -1.83 -29.59 14.65
CA ALA B 398 -1.53 -30.40 15.85
C ALA B 398 -2.82 -30.49 16.68
N VAL B 399 -3.10 -31.67 17.24
CA VAL B 399 -4.31 -31.90 18.09
C VAL B 399 -3.91 -32.65 19.37
N SER B 400 -4.24 -32.05 20.52
CA SER B 400 -4.01 -32.63 21.86
C SER B 400 -5.32 -32.64 22.65
N ILE B 401 -5.34 -33.41 23.73
CA ILE B 401 -6.48 -33.60 24.65
C ILE B 401 -5.97 -33.33 26.07
N THR B 402 -6.77 -32.65 26.89
CA THR B 402 -6.53 -32.50 28.35
C THR B 402 -7.85 -32.72 29.09
N ARG B 403 -7.81 -33.44 30.20
CA ARG B 403 -8.98 -33.70 31.09
C ARG B 403 -8.73 -33.03 32.44
N ASP B 404 -7.68 -32.21 32.55
CA ASP B 404 -7.26 -31.57 33.83
C ASP B 404 -6.90 -30.10 33.57
N LEU B 405 -7.45 -29.51 32.52
CA LEU B 405 -7.36 -28.05 32.21
C LEU B 405 -5.89 -27.66 31.97
N GLY B 406 -5.08 -28.60 31.44
CA GLY B 406 -3.74 -28.34 30.88
C GLY B 406 -2.59 -28.70 31.81
N LYS B 407 -2.85 -29.40 32.92
CA LYS B 407 -1.79 -29.91 33.83
C LYS B 407 -1.03 -31.04 33.13
N SER B 408 -1.76 -31.87 32.37
CA SER B 408 -1.21 -32.91 31.48
C SER B 408 -1.95 -32.88 30.13
N TRP B 409 -1.26 -33.28 29.07
CA TRP B 409 -1.78 -33.33 27.68
C TRP B 409 -1.48 -34.70 27.10
N THR B 410 -2.42 -35.21 26.29
CA THR B 410 -2.19 -36.42 25.47
C THR B 410 -2.46 -36.10 24.00
N GLU B 411 -1.64 -36.68 23.13
CA GLU B 411 -1.78 -36.58 21.66
C GLU B 411 -3.14 -37.18 21.26
N HIS B 412 -3.86 -36.51 20.36
CA HIS B 412 -5.08 -37.07 19.74
C HIS B 412 -4.67 -37.89 18.51
N SER B 413 -5.50 -38.86 18.11
CA SER B 413 -5.28 -39.73 16.92
C SER B 413 -5.20 -38.87 15.65
N SER B 414 -5.86 -37.70 15.63
CA SER B 414 -5.96 -36.82 14.44
C SER B 414 -4.76 -35.89 14.35
N ASN B 415 -3.91 -35.84 15.38
CA ASN B 415 -2.69 -34.99 15.44
C ASN B 415 -1.89 -35.11 14.15
N ARG B 416 -1.55 -33.97 13.55
CA ARG B 416 -0.57 -33.86 12.43
C ARG B 416 -0.96 -34.82 11.31
N SER B 417 -2.26 -34.99 11.05
CA SER B 417 -2.77 -36.06 10.15
C SER B 417 -4.02 -35.61 9.40
N ALA B 418 -5.11 -35.31 10.12
CA ALA B 418 -6.48 -35.26 9.55
C ALA B 418 -6.79 -33.89 8.93
N LEU B 419 -6.20 -32.80 9.44
CA LEU B 419 -6.56 -31.40 9.06
C LEU B 419 -5.35 -30.70 8.45
N PRO B 420 -5.31 -30.56 7.10
CA PRO B 420 -4.22 -29.83 6.45
C PRO B 420 -4.27 -28.34 6.80
N GLU B 421 -3.09 -27.69 6.83
CA GLU B 421 -2.99 -26.21 6.97
C GLU B 421 -1.65 -25.73 6.38
N SER B 422 -1.53 -24.41 6.21
CA SER B 422 -0.37 -23.69 5.64
C SER B 422 0.30 -22.85 6.73
N ILE B 423 0.01 -23.16 7.99
CA ILE B 423 0.46 -22.43 9.21
C ILE B 423 -0.35 -21.13 9.31
N CYS B 424 -1.57 -21.26 9.81
CA CYS B 424 -2.60 -20.20 9.82
C CYS B 424 -3.56 -20.46 10.98
N MET B 425 -4.22 -19.41 11.48
CA MET B 425 -5.27 -19.55 12.52
C MET B 425 -6.36 -20.48 11.95
N ALA B 426 -6.96 -21.32 12.80
CA ALA B 426 -8.14 -22.14 12.46
C ALA B 426 -9.12 -22.09 13.62
N SER B 427 -10.41 -22.20 13.29
CA SER B 427 -11.53 -22.23 14.25
C SER B 427 -11.98 -23.67 14.46
N LEU B 428 -12.26 -24.03 15.71
CA LEU B 428 -12.90 -25.30 16.11
C LEU B 428 -13.95 -25.00 17.18
N ILE B 429 -15.14 -25.56 17.03
CA ILE B 429 -16.22 -25.48 18.05
C ILE B 429 -16.86 -26.86 18.17
N SER B 430 -17.52 -27.09 19.31
CA SER B 430 -18.36 -28.29 19.56
C SER B 430 -19.83 -27.84 19.62
N VAL B 431 -20.72 -28.70 19.14
CA VAL B 431 -22.20 -28.49 19.19
C VAL B 431 -22.80 -29.71 19.85
N LYS B 432 -23.51 -29.52 20.98
CA LYS B 432 -24.20 -30.63 21.70
C LYS B 432 -25.36 -31.14 20.83
N ALA B 433 -25.71 -32.42 20.98
CA ALA B 433 -26.76 -33.11 20.20
C ALA B 433 -28.10 -32.38 20.36
N LYS B 434 -28.45 -31.99 21.59
CA LYS B 434 -29.73 -31.31 21.94
C LYS B 434 -29.77 -29.88 21.39
N ASP B 435 -28.63 -29.30 21.02
CA ASP B 435 -28.51 -27.87 20.61
C ASP B 435 -28.52 -27.75 19.06
N ASN B 436 -28.66 -28.86 18.32
CA ASN B 436 -28.64 -28.82 16.84
C ASN B 436 -29.62 -29.84 16.24
N ILE B 437 -30.01 -29.60 14.98
CA ILE B 437 -31.15 -30.26 14.27
C ILE B 437 -30.78 -31.69 13.88
N ILE B 438 -29.50 -32.00 13.68
CA ILE B 438 -29.02 -33.38 13.31
C ILE B 438 -29.22 -34.31 14.51
N GLY B 439 -29.27 -33.77 15.73
CA GLY B 439 -29.50 -34.53 16.98
C GLY B 439 -28.31 -35.39 17.38
N LYS B 440 -27.09 -34.98 16.98
CA LYS B 440 -25.81 -35.68 17.32
C LYS B 440 -24.74 -34.65 17.67
N ASP B 441 -23.83 -35.01 18.58
CA ASP B 441 -22.64 -34.18 18.91
C ASP B 441 -21.83 -33.94 17.63
N LEU B 442 -21.48 -32.68 17.37
CA LEU B 442 -20.67 -32.26 16.21
C LEU B 442 -19.40 -31.58 16.73
N LEU B 443 -18.31 -31.76 16.00
CA LEU B 443 -17.19 -30.77 15.94
C LEU B 443 -17.26 -30.07 14.59
N LEU B 444 -17.15 -28.73 14.59
CA LEU B 444 -17.05 -27.93 13.35
C LEU B 444 -15.69 -27.22 13.35
N PHE B 445 -15.05 -27.20 12.20
CA PHE B 445 -13.69 -26.68 11.98
C PHE B 445 -13.71 -25.80 10.72
N SER B 446 -12.97 -24.69 10.75
CA SER B 446 -12.77 -23.86 9.53
C SER B 446 -11.32 -23.38 9.47
N ASN B 447 -10.78 -23.34 8.25
CA ASN B 447 -9.42 -22.81 7.99
C ASN B 447 -9.25 -22.73 6.47
N PRO B 448 -8.11 -22.20 5.97
CA PRO B 448 -7.76 -22.35 4.56
C PRO B 448 -7.30 -23.79 4.34
N ASN B 449 -8.10 -24.53 3.57
CA ASN B 449 -7.94 -25.99 3.31
C ASN B 449 -6.83 -26.21 2.27
N THR B 450 -5.59 -25.92 2.63
CA THR B 450 -4.40 -25.96 1.73
C THR B 450 -3.14 -26.04 2.59
N THR B 451 -2.05 -26.58 2.03
CA THR B 451 -0.73 -26.66 2.68
C THR B 451 0.12 -25.46 2.27
N GLU B 452 -0.30 -24.71 1.23
CA GLU B 452 0.40 -23.50 0.73
C GLU B 452 -0.61 -22.36 0.52
N GLY B 453 -0.25 -21.17 0.97
CA GLY B 453 -1.03 -19.94 0.82
C GLY B 453 -2.23 -19.92 1.74
N ARG B 454 -3.15 -18.98 1.53
CA ARG B 454 -4.39 -18.85 2.33
C ARG B 454 -5.56 -18.63 1.37
N HIS B 455 -6.26 -19.72 1.09
CA HIS B 455 -7.40 -19.78 0.15
C HIS B 455 -8.19 -21.05 0.46
N HIS B 456 -9.27 -21.29 -0.27
CA HIS B 456 -10.18 -22.46 -0.10
C HIS B 456 -10.58 -22.51 1.38
N ILE B 457 -11.09 -21.38 1.90
CA ILE B 457 -11.71 -21.32 3.26
C ILE B 457 -12.89 -22.28 3.20
N THR B 458 -12.94 -23.20 4.15
CA THR B 458 -13.81 -24.39 4.14
C THR B 458 -14.26 -24.68 5.58
N ILE B 459 -15.55 -24.93 5.76
CA ILE B 459 -16.10 -25.51 7.04
C ILE B 459 -16.12 -27.02 6.87
N LYS B 460 -15.63 -27.75 7.88
CA LYS B 460 -15.59 -29.23 7.93
C LYS B 460 -16.31 -29.69 9.20
N ALA B 461 -17.04 -30.81 9.10
CA ALA B 461 -17.78 -31.41 10.23
C ALA B 461 -17.24 -32.81 10.50
N SER B 462 -17.16 -33.17 11.79
CA SER B 462 -16.83 -34.52 12.32
C SER B 462 -17.95 -35.02 13.24
N LEU B 463 -18.43 -36.24 12.99
CA LEU B 463 -19.49 -36.92 13.77
C LEU B 463 -18.88 -37.76 14.91
N ASP B 464 -17.56 -38.01 14.89
CA ASP B 464 -16.88 -39.00 15.78
C ASP B 464 -15.80 -38.32 16.63
N GLY B 465 -16.07 -37.11 17.12
CA GLY B 465 -15.19 -36.37 18.05
C GLY B 465 -13.85 -36.01 17.44
N GLY B 466 -13.81 -35.65 16.14
CA GLY B 466 -12.60 -35.16 15.44
C GLY B 466 -11.61 -36.28 15.12
N VAL B 467 -12.03 -37.54 15.23
CA VAL B 467 -11.19 -38.69 14.77
C VAL B 467 -11.17 -38.67 13.25
N THR B 468 -12.32 -38.41 12.61
CA THR B 468 -12.46 -38.38 11.13
C THR B 468 -13.17 -37.11 10.66
N TRP B 469 -12.68 -36.54 9.56
CA TRP B 469 -13.27 -35.39 8.84
C TRP B 469 -13.59 -35.83 7.41
N LEU B 470 -14.77 -36.42 7.20
CA LEU B 470 -15.18 -36.96 5.88
C LEU B 470 -15.27 -35.82 4.86
N PRO B 471 -14.74 -36.03 3.63
CA PRO B 471 -14.81 -35.03 2.55
C PRO B 471 -16.23 -34.58 2.21
N ALA B 472 -17.20 -35.47 2.39
CA ALA B 472 -18.63 -35.24 2.09
C ALA B 472 -19.21 -34.18 3.04
N HIS B 473 -18.63 -34.03 4.24
CA HIS B 473 -19.14 -33.17 5.35
C HIS B 473 -18.36 -31.86 5.40
N GLN B 474 -18.15 -31.26 4.23
CA GLN B 474 -17.34 -30.02 4.07
C GLN B 474 -18.08 -29.10 3.10
N VAL B 475 -17.95 -27.78 3.31
CA VAL B 475 -18.50 -26.74 2.39
C VAL B 475 -17.38 -25.73 2.13
N LEU B 476 -17.00 -25.62 0.86
CA LEU B 476 -16.07 -24.58 0.34
C LEU B 476 -16.85 -23.27 0.21
N LEU B 477 -16.35 -22.20 0.85
CA LEU B 477 -16.94 -20.83 0.79
C LEU B 477 -16.10 -19.89 -0.08
N ASP B 478 -14.76 -19.96 -0.04
CA ASP B 478 -13.92 -18.91 -0.68
C ASP B 478 -12.61 -19.51 -1.22
N GLU B 479 -12.56 -19.78 -2.52
CA GLU B 479 -11.41 -20.49 -3.17
C GLU B 479 -10.33 -19.50 -3.61
N GLU B 480 -10.50 -18.20 -3.37
CA GLU B 480 -9.52 -17.16 -3.78
C GLU B 480 -8.75 -16.69 -2.54
N ASP B 481 -7.71 -15.90 -2.77
CA ASP B 481 -6.68 -15.54 -1.78
C ASP B 481 -7.22 -14.50 -0.80
N GLY B 482 -6.84 -14.67 0.47
CA GLY B 482 -7.19 -13.77 1.58
C GLY B 482 -6.20 -13.93 2.71
N TRP B 483 -6.46 -13.31 3.86
CA TRP B 483 -5.53 -13.34 5.01
C TRP B 483 -5.79 -14.57 5.89
N GLY B 484 -6.92 -15.26 5.68
CA GLY B 484 -7.09 -16.68 6.07
C GLY B 484 -7.77 -16.93 7.40
N TYR B 485 -7.80 -15.98 8.34
CA TYR B 485 -8.30 -16.23 9.72
C TYR B 485 -9.83 -16.34 9.70
N SER B 486 -10.40 -17.23 10.49
CA SER B 486 -11.86 -17.47 10.57
C SER B 486 -12.28 -17.74 12.02
N CYS B 487 -13.58 -17.61 12.32
CA CYS B 487 -14.13 -18.08 13.61
C CYS B 487 -15.57 -18.53 13.42
N LEU B 488 -15.92 -19.67 14.02
CA LEU B 488 -17.29 -20.25 13.92
C LEU B 488 -18.08 -19.98 15.20
N SER B 489 -19.38 -19.75 15.04
CA SER B 489 -20.40 -19.77 16.12
C SER B 489 -21.73 -20.26 15.53
N MET B 490 -22.38 -21.23 16.18
CA MET B 490 -23.77 -21.63 15.84
C MET B 490 -24.66 -20.40 16.02
N ILE B 491 -25.45 -20.07 14.99
CA ILE B 491 -26.46 -18.97 15.01
C ILE B 491 -27.69 -19.47 15.78
N ASP B 492 -28.20 -20.63 15.37
CA ASP B 492 -29.41 -21.27 15.94
C ASP B 492 -29.22 -22.79 15.84
N ARG B 493 -30.30 -23.56 15.95
CA ARG B 493 -30.24 -25.04 15.97
C ARG B 493 -29.90 -25.59 14.56
N GLU B 494 -30.07 -24.78 13.51
CA GLU B 494 -30.08 -25.26 12.10
C GLU B 494 -28.91 -24.71 11.27
N THR B 495 -28.20 -23.69 11.76
CA THR B 495 -27.25 -22.89 10.93
C THR B 495 -26.01 -22.54 11.76
N VAL B 496 -24.84 -22.62 11.12
CA VAL B 496 -23.56 -22.16 11.71
C VAL B 496 -23.16 -20.86 11.01
N GLY B 497 -22.66 -19.91 11.80
CA GLY B 497 -22.06 -18.66 11.32
C GLY B 497 -20.55 -18.78 11.26
N ILE B 498 -19.95 -18.13 10.26
CA ILE B 498 -18.47 -18.01 10.11
C ILE B 498 -18.15 -16.53 9.90
N PHE B 499 -17.23 -16.01 10.71
CA PHE B 499 -16.76 -14.60 10.66
C PHE B 499 -15.28 -14.65 10.31
N TYR B 500 -14.92 -14.31 9.07
CA TYR B 500 -13.59 -14.64 8.51
C TYR B 500 -13.06 -13.55 7.57
N GLU B 501 -11.73 -13.51 7.49
CA GLU B 501 -10.98 -12.72 6.49
C GLU B 501 -11.09 -13.45 5.16
N SER B 502 -11.61 -12.78 4.13
CA SER B 502 -12.01 -13.44 2.86
C SER B 502 -11.45 -12.68 1.67
N SER B 503 -11.63 -13.22 0.48
CA SER B 503 -11.20 -12.60 -0.79
C SER B 503 -12.11 -11.40 -1.15
N VAL B 504 -13.26 -11.26 -0.48
CA VAL B 504 -14.31 -10.27 -0.83
C VAL B 504 -14.47 -9.18 0.25
N ALA B 505 -14.00 -9.39 1.48
CA ALA B 505 -14.01 -8.34 2.53
C ALA B 505 -13.18 -8.75 3.74
N HIS B 506 -12.54 -7.77 4.40
CA HIS B 506 -11.67 -7.96 5.59
C HIS B 506 -12.40 -8.71 6.70
N MET B 507 -13.67 -8.34 6.97
CA MET B 507 -14.55 -9.11 7.88
C MET B 507 -15.81 -9.52 7.13
N THR B 508 -15.90 -10.81 6.82
CA THR B 508 -17.01 -11.41 6.04
C THR B 508 -17.80 -12.31 6.98
N PHE B 509 -19.13 -12.23 6.92
CA PHE B 509 -20.03 -13.15 7.63
C PHE B 509 -20.83 -13.96 6.61
N GLN B 510 -20.90 -15.27 6.84
CA GLN B 510 -21.77 -16.20 6.09
C GLN B 510 -22.46 -17.14 7.08
N ALA B 511 -23.63 -17.61 6.67
CA ALA B 511 -24.48 -18.55 7.41
C ALA B 511 -24.64 -19.78 6.51
N VAL B 512 -24.48 -20.96 7.10
CA VAL B 512 -24.53 -22.26 6.39
C VAL B 512 -25.45 -23.17 7.20
N LYS B 513 -26.45 -23.75 6.55
CA LYS B 513 -27.33 -24.79 7.15
C LYS B 513 -26.46 -25.99 7.52
N ILE B 514 -26.64 -26.53 8.73
CA ILE B 514 -26.01 -27.81 9.20
C ILE B 514 -26.27 -28.91 8.16
N LYS B 515 -27.46 -28.94 7.55
CA LYS B 515 -27.89 -30.01 6.61
C LYS B 515 -27.20 -29.87 5.25
N ASP B 516 -26.58 -28.72 4.96
CA ASP B 516 -25.69 -28.52 3.79
C ASP B 516 -24.33 -29.19 4.07
N LEU B 517 -23.86 -29.12 5.32
CA LEU B 517 -22.64 -29.85 5.78
C LEU B 517 -22.92 -31.36 5.77
N ILE B 518 -23.93 -31.82 6.51
CA ILE B 518 -24.17 -33.27 6.80
C ILE B 518 -25.42 -33.77 6.07
N ARG B 519 -25.24 -34.58 5.03
CA ARG B 519 -26.25 -35.50 4.44
C ARG B 519 -27.09 -36.15 5.55
#